data_4TY0
#
_entry.id   4TY0
#
_cell.length_a   70.329
_cell.length_b   59.596
_cell.length_c   102.163
_cell.angle_alpha   90.00
_cell.angle_beta   96.47
_cell.angle_gamma   90.00
#
_symmetry.space_group_name_H-M   'P 1 21 1'
#
loop_
_entity.id
_entity.type
_entity.pdbx_description
1 polymer 'Cyclic AMP-GMP synthase'
2 non-polymer 'MAGNESIUM ION'
3 non-polymer '[(2R,3S,4R,5R)-5-(6-aminopurin-9-yl)-3-[[(2R,3S,4R,5R)-5-(2-azanyl-6-oxidanylidene-3H-purin-9-yl)-3,4-bis(oxidanyl)oxolan-2-yl]methoxy-oxidanyl-phosphoryl]oxy-4-oxidanyl-oxolan-2-yl]methoxy-[[oxidanyl(phosphonooxy)phosphoryl]methyl]phosphinic acid'
4 non-polymer 'ACETATE ION'
5 water water
#
_entity_poly.entity_id   1
_entity_poly.type   'polypeptide(L)'
_entity_poly.pdbx_seq_one_letter_code
;GSMTWNFHQYYTNRNDGLMGKLVLTDEEKNNLKALRKIIRLRTRDVFEEAKGIAKAVKKSALTFEIIQEKVSTTQIKHLS
DSEQREVAKLIYEMDDDARDEFLGLTPRFWTQGSFQYDTLNRPFQPGQEMDIDDGTYMPMPIFESEPKIGHSLLILLVDA
SLKSLVAENHGWKFEAKQTCGRIKIEAEKTHIDVPMYAIPKDEFQKKQIALEANRSFVKGAIFESYVADSITDDSETYEL
DSENVNLALREGDRKWINSDPKIVEDWFNDSCIRIGKHLRKVCRFMKAWRDAQWDVGGPSSISLMAATVNILDSVAHDAS
DLGETMKIIAKHLPSEFARGVESPDSTDEKPLFPPSYKHGPREMDIMSKLERLPEILSSAESADSKSEALKKINMAFGNR
VTNSELIVLAKAL
;
_entity_poly.pdbx_strand_id   A,B
#
loop_
_chem_comp.id
_chem_comp.type
_chem_comp.name
_chem_comp.formula
38V non-polymer '[(2R,3S,4R,5R)-5-(6-aminopurin-9-yl)-3-[[(2R,3S,4R,5R)-5-(2-azanyl-6-oxidanylidene-3H-purin-9-yl)-3,4-bis(oxidanyl)oxolan-2-yl]methoxy-oxidanyl-phosphoryl]oxy-4-oxidanyl-oxolan-2-yl]methoxy-[[oxidanyl(phosphonooxy)phosphoryl]methyl]phosphinic acid' 'C21 H30 N10 O19 P4'
ACT non-polymer 'ACETATE ION' 'C2 H3 O2 -1'
MG non-polymer 'MAGNESIUM ION' 'Mg 2'
#
# COMPACT_ATOMS: atom_id res chain seq x y z
N SER A 2 57.48 3.49 25.47
CA SER A 2 57.95 3.27 24.12
C SER A 2 57.21 4.18 23.14
N MET A 3 56.54 3.59 22.15
CA MET A 3 55.78 4.37 21.18
C MET A 3 54.34 4.46 21.63
N THR A 4 53.61 5.42 21.06
CA THR A 4 52.20 5.55 21.35
C THR A 4 51.44 5.77 20.04
N TRP A 5 50.44 4.94 19.80
CA TRP A 5 49.70 4.92 18.54
C TRP A 5 48.34 5.55 18.65
N ASN A 6 47.93 6.18 17.55
CA ASN A 6 46.59 6.71 17.45
C ASN A 6 45.78 5.79 16.54
N PHE A 7 44.61 5.38 17.02
CA PHE A 7 43.77 4.42 16.30
C PHE A 7 42.52 5.03 15.67
N HIS A 8 42.43 6.35 15.64
CA HIS A 8 41.21 6.96 15.11
C HIS A 8 40.79 6.44 13.71
N GLN A 9 41.74 6.39 12.78
CA GLN A 9 41.45 5.90 11.42
C GLN A 9 41.21 4.39 11.36
N TYR A 10 41.87 3.64 12.23
CA TYR A 10 41.57 2.21 12.35
C TYR A 10 40.08 1.97 12.58
N TYR A 11 39.48 2.78 13.44
CA TYR A 11 38.08 2.67 13.77
C TYR A 11 37.19 3.25 12.67
N THR A 12 37.55 4.41 12.13
CA THR A 12 36.55 5.19 11.39
C THR A 12 36.71 5.23 9.88
N ASN A 13 37.82 4.76 9.32
CA ASN A 13 37.96 4.80 7.88
C ASN A 13 36.83 3.97 7.24
N ARG A 14 36.08 4.56 6.31
CA ARG A 14 34.85 3.95 5.83
C ARG A 14 35.11 2.89 4.77
N ASN A 15 36.36 2.81 4.32
CA ASN A 15 36.73 1.77 3.37
C ASN A 15 37.41 0.59 4.03
N ASP A 16 38.42 0.89 4.84
CA ASP A 16 39.34 -0.14 5.37
C ASP A 16 39.29 -0.23 6.89
N GLY A 17 38.72 0.78 7.52
CA GLY A 17 38.64 0.84 8.96
C GLY A 17 37.50 -0.02 9.48
N LEU A 18 37.33 -0.04 10.80
CA LEU A 18 36.34 -0.92 11.38
C LEU A 18 34.94 -0.54 10.91
N MET A 19 34.63 0.75 10.82
CA MET A 19 33.34 1.15 10.27
C MET A 19 33.16 0.63 8.84
N GLY A 20 34.21 0.70 8.03
CA GLY A 20 34.11 0.15 6.67
C GLY A 20 33.79 -1.34 6.63
N LYS A 21 34.20 -2.08 7.66
CA LYS A 21 33.93 -3.50 7.74
C LYS A 21 32.54 -3.82 8.32
N LEU A 22 31.98 -2.89 9.11
CA LEU A 22 30.74 -3.18 9.83
C LEU A 22 29.48 -2.69 9.10
N VAL A 23 29.58 -1.57 8.41
CA VAL A 23 28.40 -0.94 7.83
C VAL A 23 27.98 -1.71 6.58
N LEU A 24 26.70 -2.06 6.48
CA LEU A 24 26.20 -2.72 5.26
C LEU A 24 26.27 -1.83 4.04
N THR A 25 26.54 -2.41 2.87
CA THR A 25 26.45 -1.63 1.62
C THR A 25 25.00 -1.25 1.29
N ASP A 26 24.81 -0.33 0.36
CA ASP A 26 23.46 0.06 -0.04
C ASP A 26 22.73 -1.12 -0.66
N GLU A 27 23.47 -1.91 -1.44
CA GLU A 27 22.88 -3.11 -2.06
C GLU A 27 22.37 -4.05 -0.98
N GLU A 28 23.18 -4.25 0.06
CA GLU A 28 22.80 -5.13 1.18
C GLU A 28 21.61 -4.61 1.98
N LYS A 29 21.63 -3.32 2.32
CA LYS A 29 20.48 -2.72 2.98
C LYS A 29 19.23 -2.90 2.14
N ASN A 30 19.36 -2.71 0.83
CA ASN A 30 18.18 -2.80 -0.03
C ASN A 30 17.64 -4.21 -0.09
N ASN A 31 18.51 -5.20 0.03
CA ASN A 31 18.08 -6.58 0.02
C ASN A 31 17.28 -6.90 1.28
N LEU A 32 17.71 -6.36 2.42
CA LEU A 32 16.94 -6.48 3.66
C LEU A 32 15.61 -5.73 3.56
N LYS A 33 15.62 -4.55 2.95
CA LYS A 33 14.34 -3.84 2.72
C LYS A 33 13.40 -4.68 1.85
N ALA A 34 13.95 -5.29 0.80
CA ALA A 34 13.16 -6.15 -0.07
C ALA A 34 12.58 -7.33 0.74
N LEU A 35 13.38 -7.90 1.63
CA LEU A 35 12.90 -9.01 2.46
C LEU A 35 11.78 -8.58 3.39
N ARG A 36 11.95 -7.43 4.05
CA ARG A 36 10.90 -6.84 4.89
C ARG A 36 9.59 -6.64 4.10
N LYS A 37 9.71 -6.09 2.89
CA LYS A 37 8.53 -5.88 2.06
C LYS A 37 7.83 -7.20 1.71
N ILE A 38 8.60 -8.25 1.46
CA ILE A 38 8.00 -9.54 1.14
C ILE A 38 7.16 -10.02 2.32
N ILE A 39 7.69 -9.88 3.52
CA ILE A 39 6.99 -10.33 4.73
C ILE A 39 5.73 -9.50 4.96
N ARG A 40 5.84 -8.19 4.79
CA ARG A 40 4.70 -7.30 4.99
C ARG A 40 3.56 -7.60 4.01
N LEU A 41 3.90 -7.75 2.73
CA LEU A 41 2.88 -8.05 1.73
C LEU A 41 2.15 -9.35 2.05
N ARG A 42 2.88 -10.38 2.43
CA ARG A 42 2.26 -11.67 2.67
C ARG A 42 1.37 -11.58 3.88
N THR A 43 1.84 -10.89 4.91
CA THR A 43 1.07 -10.78 6.15
C THR A 43 -0.26 -10.06 5.87
N ARG A 44 -0.22 -8.96 5.12
CA ARG A 44 -1.46 -8.25 4.73
C ARG A 44 -2.36 -9.15 3.89
N ASP A 45 -1.77 -9.95 2.99
CA ASP A 45 -2.57 -10.85 2.16
C ASP A 45 -3.25 -11.94 2.99
N VAL A 46 -2.51 -12.53 3.94
CA VAL A 46 -3.08 -13.58 4.78
C VAL A 46 -4.21 -13.03 5.63
N PHE A 47 -4.03 -11.84 6.18
CA PHE A 47 -5.12 -11.21 6.93
C PHE A 47 -6.35 -10.96 6.02
N GLU A 48 -6.15 -10.51 4.80
CA GLU A 48 -7.30 -10.34 3.89
C GLU A 48 -8.01 -11.66 3.59
N GLU A 49 -7.26 -12.76 3.46
CA GLU A 49 -7.88 -14.06 3.17
C GLU A 49 -8.72 -14.49 4.36
N ALA A 50 -8.20 -14.29 5.56
CA ALA A 50 -8.94 -14.62 6.77
C ALA A 50 -10.19 -13.76 6.90
N LYS A 51 -10.05 -12.46 6.62
CA LYS A 51 -11.19 -11.57 6.69
C LYS A 51 -12.21 -11.94 5.63
N GLY A 52 -11.74 -12.45 4.50
CA GLY A 52 -12.65 -12.86 3.45
C GLY A 52 -13.53 -14.01 3.94
N ILE A 53 -12.94 -14.91 4.73
CA ILE A 53 -13.70 -16.01 5.29
C ILE A 53 -14.67 -15.50 6.35
N ALA A 54 -14.19 -14.64 7.26
CA ALA A 54 -15.05 -14.05 8.27
C ALA A 54 -16.23 -13.29 7.65
N LYS A 55 -15.99 -12.65 6.51
CA LYS A 55 -17.03 -11.89 5.83
C LYS A 55 -18.12 -12.82 5.29
N ALA A 56 -17.68 -14.00 4.85
CA ALA A 56 -18.61 -15.00 4.35
C ALA A 56 -19.47 -15.51 5.51
N VAL A 57 -18.83 -15.69 6.65
CA VAL A 57 -19.51 -16.15 7.84
C VAL A 57 -20.56 -15.14 8.30
N LYS A 58 -20.24 -13.86 8.13
CA LYS A 58 -21.16 -12.80 8.52
C LYS A 58 -22.33 -12.71 7.55
N LYS A 59 -22.01 -12.71 6.26
CA LYS A 59 -22.99 -12.60 5.19
C LYS A 59 -24.01 -13.72 5.23
N SER A 60 -23.56 -14.92 5.59
CA SER A 60 -24.45 -16.06 5.68
C SER A 60 -23.96 -17.10 6.69
N ALA A 61 -24.90 -17.85 7.27
CA ALA A 61 -24.55 -18.88 8.23
C ALA A 61 -23.72 -19.98 7.56
N LEU A 62 -22.47 -20.11 8.00
CA LEU A 62 -21.60 -21.19 7.52
C LEU A 62 -21.31 -22.23 8.60
N THR A 63 -21.35 -23.52 8.23
CA THR A 63 -20.96 -24.57 9.16
C THR A 63 -19.45 -24.52 9.46
N PHE A 64 -19.06 -25.11 10.59
CA PHE A 64 -17.64 -25.21 10.92
C PHE A 64 -16.87 -25.97 9.85
N GLU A 65 -17.49 -27.00 9.28
CA GLU A 65 -16.82 -27.77 8.23
C GLU A 65 -16.57 -26.93 6.98
N ILE A 66 -17.54 -26.10 6.61
CA ILE A 66 -17.36 -25.20 5.47
C ILE A 66 -16.22 -24.21 5.71
N ILE A 67 -16.21 -23.60 6.89
CA ILE A 67 -15.12 -22.68 7.24
C ILE A 67 -13.76 -23.36 7.17
N GLN A 68 -13.72 -24.61 7.61
CA GLN A 68 -12.50 -25.40 7.57
C GLN A 68 -12.02 -25.59 6.14
N GLU A 69 -12.93 -25.98 5.25
CA GLU A 69 -12.57 -26.11 3.83
C GLU A 69 -12.05 -24.79 3.25
N LYS A 70 -12.73 -23.67 3.57
CA LYS A 70 -12.29 -22.37 3.07
C LYS A 70 -10.89 -22.07 3.58
N VAL A 71 -10.66 -22.28 4.88
CA VAL A 71 -9.34 -22.05 5.46
C VAL A 71 -8.28 -22.84 4.70
N SER A 72 -8.62 -24.08 4.39
CA SER A 72 -7.69 -25.01 3.76
C SER A 72 -7.32 -24.64 2.32
N THR A 73 -8.06 -23.71 1.71
CA THR A 73 -7.71 -23.31 0.35
C THR A 73 -6.94 -22.00 0.33
N THR A 74 -6.79 -21.38 1.50
CA THR A 74 -6.02 -20.13 1.61
C THR A 74 -4.56 -20.43 1.96
N GLN A 75 -3.76 -19.38 2.09
CA GLN A 75 -2.36 -19.56 2.44
C GLN A 75 -2.21 -19.98 3.89
N ILE A 76 -3.31 -20.00 4.62
CA ILE A 76 -3.33 -20.55 5.96
C ILE A 76 -3.11 -22.06 5.88
N LYS A 77 -3.18 -22.63 4.67
CA LYS A 77 -2.96 -24.08 4.52
C LYS A 77 -1.55 -24.51 4.89
N HIS A 78 -0.65 -23.57 5.06
CA HIS A 78 0.73 -23.92 5.40
C HIS A 78 0.97 -24.09 6.90
N LEU A 79 -0.07 -23.82 7.69
CA LEU A 79 -0.08 -24.21 9.08
C LEU A 79 -0.34 -25.71 9.14
N SER A 80 -0.12 -26.29 10.32
CA SER A 80 -0.44 -27.68 10.54
C SER A 80 -1.95 -27.88 10.53
N ASP A 81 -2.39 -29.12 10.35
CA ASP A 81 -3.81 -29.42 10.33
C ASP A 81 -4.49 -29.01 11.63
N SER A 82 -3.82 -29.24 12.77
CA SER A 82 -4.39 -28.85 14.05
C SER A 82 -4.49 -27.33 14.13
N GLU A 83 -3.46 -26.62 13.67
CA GLU A 83 -3.48 -25.16 13.66
C GLU A 83 -4.53 -24.61 12.70
N GLN A 84 -4.76 -25.28 11.58
CA GLN A 84 -5.81 -24.84 10.66
C GLN A 84 -7.18 -24.97 11.30
N ARG A 85 -7.37 -26.05 12.05
CA ARG A 85 -8.61 -26.24 12.80
C ARG A 85 -8.83 -25.12 13.80
N GLU A 86 -7.77 -24.73 14.52
CA GLU A 86 -7.91 -23.69 15.51
C GLU A 86 -8.35 -22.39 14.83
N VAL A 87 -7.71 -22.03 13.73
CA VAL A 87 -8.06 -20.84 12.97
C VAL A 87 -9.52 -20.89 12.52
N ALA A 88 -9.96 -22.02 11.98
CA ALA A 88 -11.37 -22.21 11.62
C ALA A 88 -12.29 -22.10 12.82
N LYS A 89 -11.90 -22.76 13.92
CA LYS A 89 -12.69 -22.69 15.14
C LYS A 89 -12.79 -21.24 15.63
N LEU A 90 -11.66 -20.53 15.66
CA LEU A 90 -11.66 -19.15 16.15
C LEU A 90 -12.53 -18.22 15.27
N ILE A 91 -12.44 -18.38 13.96
CA ILE A 91 -13.27 -17.60 13.05
C ILE A 91 -14.74 -17.93 13.24
N TYR A 92 -15.04 -19.21 13.40
CA TYR A 92 -16.42 -19.66 13.56
C TYR A 92 -17.00 -19.15 14.86
N GLU A 93 -16.19 -19.11 15.91
CA GLU A 93 -16.74 -18.84 17.22
C GLU A 93 -16.81 -17.35 17.58
N MET A 94 -16.32 -16.47 16.72
CA MET A 94 -16.46 -15.03 16.97
C MET A 94 -17.92 -14.65 17.05
N ASP A 95 -18.28 -13.82 18.03
CA ASP A 95 -19.63 -13.27 18.06
C ASP A 95 -19.67 -12.12 17.05
N ASP A 96 -20.88 -11.62 16.76
CA ASP A 96 -21.09 -10.60 15.74
C ASP A 96 -20.22 -9.36 15.95
N ASP A 97 -20.04 -8.99 17.21
CA ASP A 97 -19.28 -7.80 17.54
C ASP A 97 -17.78 -7.99 17.27
N ALA A 98 -17.21 -9.08 17.77
CA ALA A 98 -15.80 -9.38 17.52
C ALA A 98 -15.54 -9.55 16.02
N ARG A 99 -16.50 -10.16 15.31
CA ARG A 99 -16.34 -10.38 13.87
C ARG A 99 -16.29 -9.06 13.14
N ASP A 100 -17.08 -8.09 13.59
CA ASP A 100 -17.06 -6.78 12.98
C ASP A 100 -15.73 -6.09 13.22
N GLU A 101 -15.15 -6.31 14.40
CA GLU A 101 -13.85 -5.71 14.67
C GLU A 101 -12.76 -6.34 13.79
N PHE A 102 -12.86 -7.65 13.58
CA PHE A 102 -11.86 -8.35 12.77
C PHE A 102 -11.91 -7.92 11.31
N LEU A 103 -13.12 -7.68 10.81
CA LEU A 103 -13.34 -7.25 9.44
C LEU A 103 -12.76 -5.85 9.23
N GLY A 104 -12.56 -5.12 10.31
CA GLY A 104 -12.01 -3.77 10.25
C GLY A 104 -10.51 -3.72 10.47
N LEU A 105 -9.91 -4.85 10.78
CA LEU A 105 -8.48 -4.91 11.09
C LEU A 105 -7.57 -5.00 9.86
N THR A 106 -6.58 -4.12 9.75
CA THR A 106 -5.51 -4.33 8.78
C THR A 106 -4.18 -4.15 9.51
N PRO A 107 -3.30 -5.14 9.40
CA PRO A 107 -2.05 -5.05 10.18
C PRO A 107 -1.20 -3.87 9.72
N ARG A 108 -0.55 -3.22 10.67
CA ARG A 108 0.37 -2.13 10.37
C ARG A 108 1.77 -2.57 10.78
N PHE A 109 2.78 -1.90 10.27
CA PHE A 109 4.15 -2.34 10.50
C PHE A 109 5.06 -1.21 10.90
N TRP A 110 6.02 -1.52 11.76
CA TRP A 110 7.08 -0.58 12.12
C TRP A 110 8.32 -1.37 12.48
N THR A 111 9.43 -1.05 11.84
CA THR A 111 10.69 -1.72 12.12
C THR A 111 11.26 -1.21 13.42
N GLN A 112 11.87 -2.10 14.20
CA GLN A 112 12.54 -1.71 15.42
C GLN A 112 13.98 -2.28 15.37
N GLY A 113 14.75 -2.10 16.44
CA GLY A 113 16.10 -2.63 16.50
C GLY A 113 17.09 -1.94 15.57
N SER A 114 18.22 -2.61 15.30
CA SER A 114 19.35 -1.93 14.69
C SER A 114 19.14 -1.57 13.23
N PHE A 115 18.23 -2.24 12.52
CA PHE A 115 17.93 -1.83 11.16
C PHE A 115 17.23 -0.47 11.21
N GLN A 116 16.44 -0.23 12.25
CA GLN A 116 15.71 1.04 12.36
C GLN A 116 16.59 2.17 12.85
N TYR A 117 17.44 1.95 13.86
CA TYR A 117 18.21 3.10 14.29
C TYR A 117 19.70 3.01 13.86
N ASP A 118 19.94 2.26 12.79
CA ASP A 118 21.20 2.31 12.00
C ASP A 118 22.45 1.89 12.78
N THR A 119 22.37 0.73 13.42
CA THR A 119 23.53 0.17 14.09
C THR A 119 23.69 -1.30 13.72
N LEU A 120 23.13 -1.70 12.58
CA LEU A 120 23.23 -3.10 12.13
C LEU A 120 24.59 -3.39 11.54
N ASN A 121 25.34 -4.29 12.20
CA ASN A 121 26.67 -4.68 11.78
C ASN A 121 26.67 -5.88 10.85
N ARG A 122 27.58 -5.86 9.90
CA ARG A 122 27.90 -7.04 9.12
C ARG A 122 28.30 -8.15 10.09
N PRO A 123 27.69 -9.34 9.95
CA PRO A 123 28.04 -10.41 10.87
C PRO A 123 29.49 -10.91 10.67
N PHE A 124 30.05 -11.49 11.72
CA PHE A 124 31.46 -11.82 11.71
C PHE A 124 31.71 -13.34 11.70
N GLN A 125 31.24 -14.05 12.71
CA GLN A 125 31.54 -15.48 12.83
C GLN A 125 30.44 -16.31 12.21
N PRO A 126 30.75 -17.56 11.80
CA PRO A 126 29.69 -18.43 11.30
C PRO A 126 28.56 -18.55 12.31
N GLY A 127 27.33 -18.47 11.84
CA GLY A 127 26.17 -18.51 12.73
C GLY A 127 25.59 -17.13 12.97
N GLN A 128 26.42 -16.10 12.87
CA GLN A 128 25.91 -14.74 13.11
C GLN A 128 25.23 -14.25 11.82
N GLU A 129 24.15 -13.49 11.97
CA GLU A 129 23.33 -13.14 10.83
C GLU A 129 22.84 -11.70 10.93
N MET A 130 22.64 -11.08 9.78
CA MET A 130 21.94 -9.80 9.72
C MET A 130 20.52 -9.97 10.21
N ASP A 131 20.10 -9.07 11.10
CA ASP A 131 18.82 -9.18 11.78
C ASP A 131 17.87 -8.04 11.39
N ILE A 132 16.72 -8.33 10.78
CA ILE A 132 15.66 -7.33 10.64
C ILE A 132 14.55 -7.56 11.68
N ASP A 133 14.30 -6.60 12.55
CA ASP A 133 13.22 -6.75 13.50
C ASP A 133 12.02 -5.93 13.05
N ASP A 134 11.02 -6.55 12.44
CA ASP A 134 9.91 -5.80 11.87
C ASP A 134 8.62 -6.11 12.63
N GLY A 135 8.17 -5.16 13.43
CA GLY A 135 7.00 -5.40 14.24
C GLY A 135 5.75 -5.31 13.40
N THR A 136 4.80 -6.17 13.71
CA THR A 136 3.49 -6.12 13.12
C THR A 136 2.51 -5.66 14.21
N TYR A 137 1.65 -4.71 13.87
CA TYR A 137 0.79 -4.06 14.85
C TYR A 137 -0.68 -4.27 14.50
N MET A 138 -1.48 -4.63 15.50
CA MET A 138 -2.91 -4.84 15.32
C MET A 138 -3.72 -3.79 16.06
N PRO A 139 -4.27 -2.80 15.35
CA PRO A 139 -5.13 -1.81 16.02
C PRO A 139 -6.45 -2.42 16.43
N MET A 140 -6.74 -2.37 17.73
CA MET A 140 -7.94 -2.96 18.31
C MET A 140 -8.43 -2.05 19.43
N PRO A 141 -9.69 -2.21 19.85
CA PRO A 141 -10.08 -1.31 20.95
C PRO A 141 -9.40 -1.64 22.30
N ILE A 142 -9.81 -0.91 23.34
CA ILE A 142 -9.20 -0.96 24.68
C ILE A 142 -7.83 -0.30 24.68
N ILE A 149 -10.30 -8.92 19.56
CA ILE A 149 -9.74 -9.97 18.71
C ILE A 149 -8.65 -10.77 19.46
N GLY A 150 -8.74 -12.09 19.38
CA GLY A 150 -7.92 -12.99 20.16
C GLY A 150 -6.44 -13.05 19.86
N HIS A 151 -5.65 -13.06 20.93
CA HIS A 151 -4.23 -13.35 20.91
C HIS A 151 -3.90 -14.59 20.07
N SER A 152 -4.67 -15.66 20.25
CA SER A 152 -4.43 -16.93 19.54
C SER A 152 -4.54 -16.77 18.02
N LEU A 153 -5.62 -16.13 17.58
CA LEU A 153 -5.85 -15.95 16.15
C LEU A 153 -4.76 -15.09 15.53
N LEU A 154 -4.44 -13.97 16.18
CA LEU A 154 -3.45 -13.05 15.64
C LEU A 154 -2.10 -13.76 15.47
N ILE A 155 -1.72 -14.58 16.46
CA ILE A 155 -0.46 -15.32 16.37
C ILE A 155 -0.52 -16.39 15.26
N LEU A 156 -1.66 -17.06 15.13
CA LEU A 156 -1.80 -18.05 14.08
C LEU A 156 -1.67 -17.44 12.68
N LEU A 157 -2.25 -16.27 12.49
CA LEU A 157 -2.24 -15.68 11.15
C LEU A 157 -0.87 -15.14 10.77
N VAL A 158 -0.13 -14.57 11.73
CA VAL A 158 1.24 -14.15 11.43
C VAL A 158 2.13 -15.36 11.19
N ASP A 159 1.97 -16.40 12.02
CA ASP A 159 2.65 -17.66 11.76
C ASP A 159 2.32 -18.21 10.37
N ALA A 160 1.05 -18.13 9.96
CA ALA A 160 0.65 -18.64 8.64
C ALA A 160 1.36 -17.86 7.52
N SER A 161 1.40 -16.56 7.68
CA SER A 161 2.10 -15.72 6.72
C SER A 161 3.55 -16.15 6.59
N LEU A 162 4.26 -16.26 7.71
CA LEU A 162 5.68 -16.65 7.67
C LEU A 162 5.86 -18.05 7.11
N LYS A 163 5.06 -19.00 7.56
CA LYS A 163 5.17 -20.35 7.04
C LYS A 163 4.83 -20.47 5.55
N SER A 164 3.92 -19.63 5.06
CA SER A 164 3.56 -19.67 3.64
C SER A 164 4.76 -19.19 2.82
N LEU A 165 5.56 -18.29 3.38
CA LEU A 165 6.76 -17.82 2.67
C LEU A 165 7.87 -18.87 2.71
N VAL A 166 8.01 -19.53 3.86
CA VAL A 166 8.98 -20.61 3.97
C VAL A 166 8.68 -21.70 2.94
N ALA A 167 7.39 -22.02 2.76
CA ALA A 167 6.94 -23.06 1.81
C ALA A 167 7.24 -22.71 0.33
N GLU A 168 7.60 -21.45 0.10
CA GLU A 168 7.90 -20.88 -1.22
C GLU A 168 9.37 -20.59 -1.42
N ASN A 169 10.23 -20.99 -0.49
CA ASN A 169 11.64 -20.64 -0.58
C ASN A 169 12.53 -21.71 0.02
N HIS A 170 13.29 -22.39 -0.84
CA HIS A 170 14.29 -23.34 -0.38
C HIS A 170 15.24 -22.60 0.54
N GLY A 171 15.63 -23.26 1.62
CA GLY A 171 16.61 -22.69 2.52
C GLY A 171 16.05 -21.72 3.54
N TRP A 172 14.75 -21.45 3.47
CA TRP A 172 14.12 -20.65 4.51
C TRP A 172 13.62 -21.57 5.60
N LYS A 173 13.65 -21.08 6.84
CA LYS A 173 13.22 -21.88 7.98
C LYS A 173 12.42 -21.00 8.94
N PHE A 174 11.29 -21.51 9.42
CA PHE A 174 10.48 -20.81 10.41
C PHE A 174 10.91 -21.23 11.82
N GLU A 175 10.98 -20.26 12.72
CA GLU A 175 11.33 -20.52 14.11
C GLU A 175 10.39 -19.72 15.00
N ALA A 176 9.74 -20.41 15.92
CA ALA A 176 8.86 -19.77 16.88
C ALA A 176 9.66 -19.36 18.12
N LYS A 177 9.53 -18.10 18.54
CA LYS A 177 10.21 -17.61 19.74
C LYS A 177 9.21 -17.00 20.70
N GLN A 178 9.62 -16.73 21.94
CA GLN A 178 8.68 -16.26 22.95
C GLN A 178 8.05 -14.92 22.54
N THR A 179 8.85 -14.06 21.91
CA THR A 179 8.40 -12.70 21.60
C THR A 179 8.25 -12.46 20.13
N CYS A 180 8.43 -13.48 19.29
CA CYS A 180 8.26 -13.26 17.85
C CYS A 180 8.18 -14.54 17.03
N GLY A 181 7.79 -14.39 15.78
CA GLY A 181 8.00 -15.44 14.79
C GLY A 181 9.27 -15.04 14.06
N ARG A 182 10.02 -16.01 13.54
CA ARG A 182 11.26 -15.68 12.84
C ARG A 182 11.34 -16.45 11.53
N ILE A 183 11.82 -15.81 10.47
CA ILE A 183 12.24 -16.57 9.31
C ILE A 183 13.74 -16.47 9.21
N LYS A 184 14.38 -17.64 9.17
CA LYS A 184 15.82 -17.70 9.10
C LYS A 184 16.23 -18.08 7.68
N ILE A 185 17.20 -17.36 7.13
CA ILE A 185 17.74 -17.75 5.84
C ILE A 185 19.22 -17.98 6.03
N GLU A 186 19.58 -19.20 6.43
CA GLU A 186 20.93 -19.44 6.89
C GLU A 186 21.96 -19.18 5.79
N ALA A 187 21.64 -19.58 4.56
CA ALA A 187 22.58 -19.46 3.46
C ALA A 187 22.86 -18.01 3.11
N GLU A 188 21.96 -17.11 3.48
CA GLU A 188 22.16 -15.71 3.19
C GLU A 188 22.54 -14.93 4.44
N LYS A 189 22.83 -15.65 5.53
CA LYS A 189 23.24 -15.05 6.78
C LYS A 189 22.27 -13.96 7.25
N THR A 190 20.98 -14.24 7.15
CA THR A 190 19.94 -13.25 7.38
C THR A 190 18.78 -13.88 8.11
N HIS A 191 18.18 -13.16 9.06
CA HIS A 191 16.89 -13.59 9.55
C HIS A 191 16.01 -12.38 9.80
N ILE A 192 14.70 -12.62 9.80
CA ILE A 192 13.76 -11.53 10.05
C ILE A 192 12.87 -11.95 11.21
N ASP A 193 12.81 -11.10 12.22
CA ASP A 193 11.99 -11.31 13.41
C ASP A 193 10.72 -10.50 13.30
N VAL A 194 9.58 -11.11 13.67
CA VAL A 194 8.32 -10.39 13.60
C VAL A 194 7.65 -10.43 14.98
N PRO A 195 8.02 -9.49 15.88
CA PRO A 195 7.24 -9.32 17.11
C PRO A 195 5.87 -8.79 16.75
N MET A 196 4.86 -9.15 17.54
CA MET A 196 3.51 -8.70 17.23
C MET A 196 2.93 -7.87 18.39
N TYR A 197 2.21 -6.79 18.04
CA TYR A 197 1.68 -5.87 19.04
C TYR A 197 0.21 -5.60 18.87
N ALA A 198 -0.46 -5.35 19.99
CA ALA A 198 -1.81 -4.80 19.98
C ALA A 198 -1.71 -3.33 20.37
N ILE A 199 -2.39 -2.45 19.63
CA ILE A 199 -2.41 -1.02 19.94
C ILE A 199 -3.86 -0.51 19.85
N PRO A 200 -4.16 0.62 20.52
CA PRO A 200 -5.55 1.14 20.48
C PRO A 200 -5.97 1.64 19.09
N LYS A 201 -7.10 1.13 18.58
CA LYS A 201 -7.56 1.49 17.25
C LYS A 201 -7.94 2.96 17.11
N ASP A 202 -8.68 3.49 18.07
CA ASP A 202 -9.16 4.88 18.00
C ASP A 202 -8.03 5.89 17.95
N GLU A 203 -6.98 5.61 18.72
CA GLU A 203 -5.86 6.52 18.84
C GLU A 203 -4.98 6.37 17.60
N PHE A 204 -4.83 5.15 17.11
CA PHE A 204 -4.04 4.93 15.90
C PHE A 204 -4.64 5.69 14.76
N GLN A 205 -5.95 5.59 14.62
CA GLN A 205 -6.66 6.20 13.50
C GLN A 205 -6.55 7.71 13.60
N LYS A 206 -6.88 8.23 14.77
CA LYS A 206 -6.86 9.67 14.99
C LYS A 206 -5.48 10.26 14.67
N LYS A 207 -4.43 9.56 15.07
CA LYS A 207 -3.08 10.07 14.86
C LYS A 207 -2.57 9.86 13.42
N GLN A 208 -2.96 8.76 12.79
CA GLN A 208 -2.68 8.56 11.37
C GLN A 208 -3.29 9.68 10.53
N ILE A 209 -4.53 10.07 10.85
CA ILE A 209 -5.20 11.16 10.17
C ILE A 209 -4.38 12.44 10.30
N ALA A 210 -4.00 12.75 11.54
CA ALA A 210 -3.21 13.94 11.82
C ALA A 210 -1.87 13.91 11.08
N LEU A 211 -1.25 12.75 11.02
CA LEU A 211 0.04 12.63 10.34
C LEU A 211 -0.09 12.93 8.84
N GLU A 212 -1.12 12.40 8.20
CA GLU A 212 -1.28 12.63 6.76
C GLU A 212 -1.68 14.07 6.47
N ALA A 213 -2.27 14.73 7.46
CA ALA A 213 -2.67 16.12 7.28
C ALA A 213 -1.45 17.06 7.29
N ASN A 214 -0.38 16.67 7.99
CA ASN A 214 0.81 17.51 8.09
C ASN A 214 1.90 17.07 7.10
N ARG A 215 1.57 16.96 5.83
CA ARG A 215 2.59 16.46 4.92
C ARG A 215 2.27 16.54 3.46
N SER A 216 3.35 16.60 2.69
CA SER A 216 3.34 16.38 1.26
C SER A 216 4.40 15.32 0.96
N TYR A 238 0.67 12.03 15.71
CA TYR A 238 1.65 11.96 16.78
C TYR A 238 2.02 10.51 17.10
N GLU A 239 2.74 10.35 18.20
CA GLU A 239 3.14 9.05 18.70
C GLU A 239 2.00 8.41 19.49
N LEU A 240 1.90 7.08 19.43
CA LEU A 240 0.95 6.36 20.25
C LEU A 240 1.38 6.44 21.70
N ASP A 241 0.41 6.51 22.61
CA ASP A 241 0.72 6.47 24.03
C ASP A 241 1.38 5.14 24.36
N SER A 242 2.60 5.20 24.92
CA SER A 242 3.40 3.99 25.15
C SER A 242 2.72 2.95 26.04
N GLU A 243 1.87 3.43 26.95
CA GLU A 243 1.23 2.58 27.95
C GLU A 243 0.30 1.52 27.31
N ASN A 244 -0.15 1.76 26.08
CA ASN A 244 -1.09 0.83 25.46
C ASN A 244 -0.48 0.00 24.33
N VAL A 245 0.83 0.04 24.18
CA VAL A 245 1.50 -0.79 23.19
C VAL A 245 1.83 -2.14 23.81
N ASN A 246 1.14 -3.18 23.39
CA ASN A 246 1.25 -4.47 24.07
C ASN A 246 1.91 -5.51 23.18
N LEU A 247 3.04 -6.03 23.63
CA LEU A 247 3.77 -7.06 22.93
C LEU A 247 3.19 -8.44 23.21
N ALA A 248 2.88 -9.19 22.16
CA ALA A 248 2.35 -10.53 22.34
C ALA A 248 3.43 -11.51 22.82
N LEU A 249 3.09 -12.33 23.81
CA LEU A 249 4.01 -13.36 24.27
C LEU A 249 3.49 -14.73 23.87
N ARG A 250 4.35 -15.58 23.34
CA ARG A 250 3.89 -16.84 22.78
C ARG A 250 3.48 -17.88 23.83
N GLU A 251 4.25 -18.01 24.92
CA GLU A 251 3.92 -19.01 25.96
C GLU A 251 3.83 -18.40 27.35
N GLY A 252 3.22 -19.14 28.26
CA GLY A 252 3.12 -18.74 29.66
C GLY A 252 1.76 -18.15 30.03
N ASP A 253 1.69 -17.60 31.24
CA ASP A 253 0.43 -17.14 31.81
C ASP A 253 0.04 -15.80 31.24
N ARG A 254 1.04 -14.97 30.96
CA ARG A 254 0.84 -13.62 30.47
C ARG A 254 0.88 -13.64 28.95
N LYS A 255 -0.23 -13.22 28.35
CA LYS A 255 -0.31 -13.25 26.90
C LYS A 255 0.21 -11.95 26.31
N TRP A 256 0.24 -10.92 27.14
CA TRP A 256 0.65 -9.59 26.71
C TRP A 256 1.58 -8.92 27.72
N ILE A 257 2.53 -8.13 27.25
CA ILE A 257 3.28 -7.24 28.12
C ILE A 257 3.38 -5.87 27.49
N ASN A 258 3.26 -4.84 28.33
CA ASN A 258 3.42 -3.49 27.86
C ASN A 258 4.89 -3.20 27.58
N SER A 259 5.25 -3.12 26.30
CA SER A 259 6.65 -2.83 25.92
C SER A 259 6.69 -2.11 24.60
N ASP A 260 6.75 -0.78 24.62
CA ASP A 260 6.77 -0.02 23.38
C ASP A 260 8.19 0.11 22.85
N PRO A 261 8.46 -0.51 21.68
CA PRO A 261 9.82 -0.46 21.16
C PRO A 261 10.28 0.95 20.81
N LYS A 262 9.37 1.86 20.51
CA LYS A 262 9.75 3.22 20.13
C LYS A 262 10.38 3.97 21.31
N ILE A 263 10.13 3.51 22.53
CA ILE A 263 10.82 4.10 23.68
C ILE A 263 12.32 3.97 23.46
N VAL A 264 12.76 2.78 23.05
CA VAL A 264 14.20 2.56 22.82
C VAL A 264 14.70 3.33 21.60
N GLU A 265 13.94 3.31 20.52
CA GLU A 265 14.32 4.06 19.32
C GLU A 265 14.46 5.55 19.63
N ASP A 266 13.46 6.11 20.31
CA ASP A 266 13.49 7.54 20.64
C ASP A 266 14.63 7.89 21.61
N TRP A 267 14.83 7.06 22.64
CA TRP A 267 15.90 7.27 23.61
C TRP A 267 17.25 7.21 22.92
N PHE A 268 17.42 6.26 22.00
CA PHE A 268 18.72 6.18 21.33
C PHE A 268 18.91 7.33 20.33
N ASN A 269 17.88 7.66 19.56
CA ASN A 269 18.01 8.79 18.64
C ASN A 269 18.32 10.09 19.38
N ASP A 270 17.67 10.30 20.53
CA ASP A 270 17.93 11.51 21.32
C ASP A 270 19.36 11.50 21.85
N SER A 271 19.82 10.32 22.28
CA SER A 271 21.18 10.17 22.79
C SER A 271 22.20 10.51 21.71
N CYS A 272 21.92 10.09 20.47
CA CYS A 272 22.82 10.39 19.35
C CYS A 272 22.90 11.90 19.11
N ILE A 273 21.76 12.56 19.14
CA ILE A 273 21.72 14.01 18.94
C ILE A 273 22.45 14.73 20.09
N ARG A 274 22.21 14.26 21.31
CA ARG A 274 22.79 14.82 22.53
C ARG A 274 24.28 14.56 22.65
N ILE A 275 24.69 13.31 22.47
CA ILE A 275 26.09 12.97 22.66
C ILE A 275 26.90 13.29 21.39
N GLY A 276 26.35 12.99 20.22
CA GLY A 276 27.04 13.28 18.96
C GLY A 276 27.07 12.14 17.94
N LYS A 277 27.61 12.41 16.75
CA LYS A 277 27.72 11.42 15.67
C LYS A 277 28.55 10.18 16.02
N HIS A 278 29.43 10.30 17.00
CA HIS A 278 30.30 9.17 17.32
C HIS A 278 29.59 8.11 18.14
N LEU A 279 28.45 8.45 18.75
CA LEU A 279 27.75 7.46 19.57
C LEU A 279 27.38 6.23 18.75
N ARG A 280 26.78 6.45 17.58
CA ARG A 280 26.40 5.31 16.73
C ARG A 280 27.64 4.49 16.38
N LYS A 281 28.76 5.15 16.16
CA LYS A 281 30.00 4.42 15.84
C LYS A 281 30.49 3.54 16.99
N VAL A 282 30.59 4.10 18.20
CA VAL A 282 31.16 3.31 19.30
C VAL A 282 30.20 2.20 19.72
N CYS A 283 28.90 2.40 19.57
CA CYS A 283 27.95 1.33 19.80
C CYS A 283 28.17 0.21 18.80
N ARG A 284 28.41 0.55 17.53
CA ARG A 284 28.78 -0.50 16.56
C ARG A 284 30.05 -1.23 16.97
N PHE A 285 31.05 -0.49 17.46
CA PHE A 285 32.33 -1.10 17.83
C PHE A 285 32.18 -2.06 18.99
N MET A 286 31.35 -1.68 19.98
CA MET A 286 31.12 -2.55 21.14
C MET A 286 30.36 -3.80 20.73
N LYS A 287 29.43 -3.65 19.78
CA LYS A 287 28.72 -4.82 19.26
C LYS A 287 29.66 -5.74 18.48
N ALA A 288 30.59 -5.14 17.74
CA ALA A 288 31.54 -5.93 16.98
C ALA A 288 32.51 -6.65 17.92
N TRP A 289 32.94 -5.96 18.99
CA TRP A 289 33.73 -6.62 20.02
C TRP A 289 32.96 -7.85 20.52
N ARG A 290 31.69 -7.66 20.81
CA ARG A 290 30.86 -8.75 21.31
C ARG A 290 30.84 -9.90 20.28
N ASP A 291 30.64 -9.55 19.00
CA ASP A 291 30.57 -10.56 17.95
C ASP A 291 31.89 -11.31 17.79
N ALA A 292 32.99 -10.64 18.05
CA ALA A 292 34.31 -11.28 17.92
C ALA A 292 34.64 -12.15 19.13
N GLN A 293 34.12 -11.80 20.30
CA GLN A 293 34.46 -12.54 21.53
C GLN A 293 33.55 -13.75 21.75
N TRP A 294 32.34 -13.71 21.19
CA TRP A 294 31.38 -14.82 21.29
C TRP A 294 30.76 -15.14 19.93
N ASP A 295 30.79 -16.40 19.51
CA ASP A 295 30.11 -16.74 18.27
C ASP A 295 28.60 -16.60 18.47
N VAL A 296 28.15 -17.00 19.64
CA VAL A 296 26.78 -16.71 20.06
C VAL A 296 26.83 -16.34 21.54
N GLY A 297 25.95 -15.44 21.98
CA GLY A 297 25.98 -15.04 23.38
C GLY A 297 26.72 -13.73 23.57
N GLY A 298 27.11 -13.45 24.81
CA GLY A 298 27.67 -12.17 25.18
C GLY A 298 26.55 -11.25 25.61
N PRO A 299 26.88 -10.02 26.03
CA PRO A 299 25.89 -9.04 26.47
C PRO A 299 25.01 -8.61 25.29
N SER A 300 23.75 -8.33 25.55
CA SER A 300 22.83 -7.88 24.49
C SER A 300 23.29 -6.57 23.88
N SER A 301 22.92 -6.35 22.63
CA SER A 301 23.23 -5.11 21.94
C SER A 301 22.64 -3.95 22.71
N ILE A 302 21.43 -4.10 23.22
CA ILE A 302 20.80 -2.97 23.90
C ILE A 302 21.49 -2.69 25.25
N SER A 303 21.96 -3.72 25.93
CA SER A 303 22.69 -3.47 27.17
C SER A 303 24.01 -2.74 26.89
N LEU A 304 24.67 -3.06 25.78
CA LEU A 304 25.89 -2.32 25.41
C LEU A 304 25.58 -0.87 25.07
N MET A 305 24.54 -0.66 24.28
CA MET A 305 24.09 0.69 23.99
C MET A 305 23.80 1.50 25.26
N ALA A 306 23.02 0.94 26.19
CA ALA A 306 22.64 1.68 27.41
C ALA A 306 23.87 2.04 28.26
N ALA A 307 24.77 1.08 28.45
CA ALA A 307 25.97 1.32 29.25
C ALA A 307 26.84 2.36 28.56
N THR A 308 26.97 2.26 27.25
CA THR A 308 27.81 3.20 26.49
C THR A 308 27.24 4.62 26.57
N VAL A 309 25.94 4.78 26.35
CA VAL A 309 25.31 6.09 26.52
C VAL A 309 25.57 6.63 27.93
N ASN A 310 25.44 5.80 28.96
CA ASN A 310 25.70 6.25 30.33
C ASN A 310 27.10 6.79 30.53
N ILE A 311 28.09 6.06 30.00
CA ILE A 311 29.47 6.47 30.14
C ILE A 311 29.67 7.80 29.40
N LEU A 312 29.22 7.87 28.15
CA LEU A 312 29.47 9.06 27.34
C LEU A 312 28.69 10.27 27.82
N ASP A 313 27.60 10.05 28.55
CA ASP A 313 26.86 11.15 29.16
C ASP A 313 27.60 11.69 30.38
N SER A 314 28.41 10.85 31.02
CA SER A 314 28.96 11.22 32.33
C SER A 314 30.49 11.32 32.38
N VAL A 315 31.16 10.99 31.28
CA VAL A 315 32.62 11.05 31.24
C VAL A 315 33.09 11.91 30.07
N ALA A 316 34.00 12.84 30.35
CA ALA A 316 34.59 13.67 29.31
C ALA A 316 35.33 12.80 28.30
N HIS A 317 35.16 13.10 27.01
CA HIS A 317 35.87 12.36 25.98
C HIS A 317 36.04 13.25 24.78
N ASP A 318 36.79 12.75 23.81
CA ASP A 318 37.07 13.53 22.61
C ASP A 318 36.59 12.78 21.37
N ALA A 319 35.51 13.25 20.75
CA ALA A 319 34.97 12.59 19.56
C ALA A 319 35.94 12.57 18.37
N SER A 320 36.91 13.49 18.35
CA SER A 320 37.87 13.52 17.25
C SER A 320 38.95 12.43 17.41
N ASP A 321 38.88 11.68 18.51
CA ASP A 321 39.77 10.54 18.66
C ASP A 321 38.97 9.37 19.23
N LEU A 322 38.43 8.54 18.34
CA LEU A 322 37.61 7.42 18.78
C LEU A 322 38.43 6.30 19.39
N GLY A 323 39.73 6.27 19.08
CA GLY A 323 40.63 5.37 19.77
C GLY A 323 40.68 5.69 21.26
N GLU A 324 40.84 6.99 21.56
CA GLU A 324 40.87 7.45 22.93
C GLU A 324 39.48 7.26 23.55
N THR A 325 38.45 7.58 22.79
CA THR A 325 37.09 7.43 23.32
C THR A 325 36.77 5.97 23.64
N MET A 326 37.21 5.06 22.77
CA MET A 326 36.98 3.64 23.01
C MET A 326 37.73 3.16 24.26
N LYS A 327 38.91 3.69 24.49
CA LYS A 327 39.67 3.39 25.71
C LYS A 327 38.88 3.81 26.96
N ILE A 328 38.29 5.00 26.91
CA ILE A 328 37.52 5.51 28.02
C ILE A 328 36.29 4.64 28.26
N ILE A 329 35.60 4.27 27.19
CA ILE A 329 34.43 3.38 27.31
C ILE A 329 34.84 2.03 27.92
N ALA A 330 35.92 1.45 27.41
CA ALA A 330 36.40 0.15 27.88
C ALA A 330 36.73 0.19 29.37
N LYS A 331 37.36 1.28 29.82
CA LYS A 331 37.68 1.43 31.23
C LYS A 331 36.43 1.44 32.10
N HIS A 332 35.33 1.99 31.59
CA HIS A 332 34.17 2.22 32.45
C HIS A 332 33.08 1.13 32.33
N LEU A 333 33.08 0.37 31.26
CA LEU A 333 32.04 -0.67 31.09
C LEU A 333 31.93 -1.71 32.22
N PRO A 334 33.06 -2.24 32.73
CA PRO A 334 32.89 -3.22 33.83
C PRO A 334 32.02 -2.72 35.00
N SER A 335 32.28 -1.51 35.47
CA SER A 335 31.49 -0.95 36.57
C SER A 335 30.04 -0.67 36.17
N GLU A 336 29.79 -0.25 34.94
CA GLU A 336 28.42 -0.10 34.44
C GLU A 336 27.68 -1.43 34.50
N PHE A 337 28.32 -2.48 34.00
CA PHE A 337 27.68 -3.78 34.02
C PHE A 337 27.60 -4.35 35.42
N ALA A 338 28.58 -4.04 36.27
CA ALA A 338 28.57 -4.52 37.65
C ALA A 338 27.41 -3.95 38.46
N ARG A 339 27.10 -2.68 38.28
CA ARG A 339 26.00 -2.06 39.03
C ARG A 339 24.65 -2.46 38.44
N GLY A 340 24.68 -3.14 37.29
CA GLY A 340 23.45 -3.50 36.64
C GLY A 340 23.08 -2.40 35.66
N VAL A 341 22.55 -2.81 34.51
CA VAL A 341 22.20 -1.87 33.45
C VAL A 341 20.69 -1.79 33.31
N GLU A 342 20.12 -0.62 33.56
CA GLU A 342 18.67 -0.51 33.46
C GLU A 342 18.21 -0.13 32.06
N SER A 343 17.02 -0.59 31.71
CA SER A 343 16.42 -0.24 30.44
C SER A 343 16.07 1.25 30.38
N PRO A 344 16.24 1.87 29.21
CA PRO A 344 15.69 3.22 29.00
C PRO A 344 14.16 3.26 29.15
N ASP A 345 13.50 2.12 29.05
CA ASP A 345 12.07 2.06 29.39
C ASP A 345 11.92 1.91 30.90
N SER A 346 11.57 3.01 31.55
CA SER A 346 11.50 3.02 33.01
C SER A 346 10.32 2.20 33.54
N THR A 347 9.39 1.85 32.66
CA THR A 347 8.24 1.05 33.07
C THR A 347 8.62 -0.43 33.08
N ASP A 348 9.76 -0.74 32.48
CA ASP A 348 10.28 -2.10 32.46
C ASP A 348 11.11 -2.37 33.72
N GLU A 349 10.69 -3.36 34.51
CA GLU A 349 11.36 -3.63 35.77
C GLU A 349 12.53 -4.58 35.63
N LYS A 350 12.57 -5.37 34.56
CA LYS A 350 13.72 -6.22 34.31
C LYS A 350 14.93 -5.39 33.90
N PRO A 351 16.08 -5.64 34.52
CA PRO A 351 17.28 -4.97 34.02
C PRO A 351 17.70 -5.50 32.66
N LEU A 352 18.43 -4.71 31.88
CA LEU A 352 19.05 -5.22 30.65
C LEU A 352 20.16 -6.17 31.03
N PHE A 353 20.79 -5.89 32.17
CA PHE A 353 21.88 -6.74 32.68
C PHE A 353 21.87 -6.65 34.20
N PRO A 354 21.85 -7.81 34.88
CA PRO A 354 21.65 -7.78 36.33
C PRO A 354 22.88 -7.29 37.09
N PRO A 355 22.67 -6.72 38.27
CA PRO A 355 23.79 -6.27 39.08
C PRO A 355 24.56 -7.47 39.60
N SER A 356 25.82 -7.24 39.98
CA SER A 356 26.76 -8.32 40.25
C SER A 356 26.33 -9.31 41.34
N TYR A 357 25.53 -8.90 42.33
CA TYR A 357 25.18 -9.86 43.37
C TYR A 357 24.23 -10.91 42.79
N LYS A 358 23.68 -10.64 41.61
CA LYS A 358 22.79 -11.60 40.95
C LYS A 358 23.47 -12.40 39.85
N HIS A 359 24.77 -12.18 39.66
CA HIS A 359 25.46 -12.82 38.56
C HIS A 359 25.59 -14.33 38.73
N GLY A 360 25.29 -15.06 37.66
CA GLY A 360 25.57 -16.48 37.60
C GLY A 360 26.70 -16.65 36.61
N PRO A 361 26.99 -17.90 36.22
CA PRO A 361 28.05 -18.19 35.25
C PRO A 361 28.01 -17.35 33.97
N ARG A 362 26.84 -17.13 33.39
CA ARG A 362 26.76 -16.37 32.17
C ARG A 362 27.23 -14.92 32.35
N GLU A 363 26.76 -14.27 33.40
CA GLU A 363 27.14 -12.88 33.66
C GLU A 363 28.61 -12.77 34.06
N MET A 364 29.12 -13.76 34.78
CA MET A 364 30.51 -13.72 35.24
C MET A 364 31.40 -13.79 34.01
N ASP A 365 30.98 -14.55 33.02
CA ASP A 365 31.76 -14.72 31.79
C ASP A 365 31.80 -13.40 31.03
N ILE A 366 30.66 -12.72 30.99
CA ILE A 366 30.61 -11.41 30.37
C ILE A 366 31.52 -10.40 31.13
N MET A 367 31.49 -10.42 32.46
CA MET A 367 32.34 -9.52 33.25
C MET A 367 33.82 -9.75 32.91
N SER A 368 34.18 -11.03 32.79
CA SER A 368 35.54 -11.41 32.50
C SER A 368 36.04 -10.80 31.20
N LYS A 369 35.24 -10.91 30.16
CA LYS A 369 35.65 -10.36 28.86
C LYS A 369 35.65 -8.83 28.89
N LEU A 370 34.67 -8.25 29.56
CA LEU A 370 34.65 -6.80 29.72
C LEU A 370 35.91 -6.31 30.43
N GLU A 371 36.35 -7.05 31.46
CA GLU A 371 37.53 -6.62 32.21
C GLU A 371 38.78 -6.74 31.36
N ARG A 372 38.78 -7.69 30.43
CA ARG A 372 39.91 -7.91 29.52
C ARG A 372 40.04 -6.80 28.45
N LEU A 373 38.94 -6.17 28.08
CA LEU A 373 38.98 -5.25 26.94
C LEU A 373 39.96 -4.09 27.16
N PRO A 374 39.90 -3.38 28.30
CA PRO A 374 40.89 -2.32 28.54
C PRO A 374 42.34 -2.80 28.43
N GLU A 375 42.61 -4.02 28.90
CA GLU A 375 43.95 -4.58 28.85
C GLU A 375 44.39 -4.78 27.41
N ILE A 376 43.46 -5.26 26.59
CA ILE A 376 43.75 -5.45 25.18
C ILE A 376 44.07 -4.11 24.51
N LEU A 377 43.21 -3.11 24.75
CA LEU A 377 43.39 -1.81 24.13
C LEU A 377 44.69 -1.14 24.57
N SER A 378 45.06 -1.33 25.83
CA SER A 378 46.32 -0.80 26.39
C SER A 378 47.52 -1.45 25.72
N SER A 379 47.44 -2.75 25.54
CA SER A 379 48.50 -3.50 24.90
C SER A 379 48.74 -2.96 23.49
N ALA A 380 47.64 -2.72 22.77
CA ALA A 380 47.71 -2.20 21.42
C ALA A 380 48.37 -0.83 21.39
N GLU A 381 48.01 0.02 22.36
CA GLU A 381 48.48 1.40 22.36
C GLU A 381 50.01 1.52 22.49
N SER A 382 50.60 0.57 23.20
CA SER A 382 52.02 0.60 23.50
C SER A 382 52.81 -0.48 22.76
N ALA A 383 52.23 -0.98 21.67
CA ALA A 383 52.95 -1.93 20.82
C ALA A 383 54.17 -1.28 20.18
N ASP A 384 55.13 -2.10 19.75
CA ASP A 384 56.39 -1.59 19.23
C ASP A 384 56.32 -1.16 17.76
N SER A 385 55.26 -1.55 17.07
CA SER A 385 55.12 -1.23 15.65
C SER A 385 53.67 -1.19 15.23
N LYS A 386 53.41 -0.69 14.04
CA LYS A 386 52.04 -0.62 13.52
C LYS A 386 51.44 -2.01 13.36
N SER A 387 52.22 -2.93 12.81
CA SER A 387 51.70 -4.27 12.55
C SER A 387 51.45 -4.98 13.88
N GLU A 388 52.30 -4.74 14.87
CA GLU A 388 52.05 -5.30 16.20
C GLU A 388 50.81 -4.63 16.83
N ALA A 389 50.68 -3.32 16.65
CA ALA A 389 49.51 -2.64 17.20
C ALA A 389 48.23 -3.19 16.60
N LEU A 390 48.24 -3.42 15.29
CA LEU A 390 47.08 -3.98 14.61
C LEU A 390 46.72 -5.35 15.16
N LYS A 391 47.73 -6.20 15.31
CA LYS A 391 47.52 -7.55 15.82
C LYS A 391 46.88 -7.51 17.21
N LYS A 392 47.35 -6.61 18.07
CA LYS A 392 46.84 -6.53 19.43
C LYS A 392 45.42 -5.97 19.44
N ILE A 393 45.13 -4.91 18.70
CA ILE A 393 43.77 -4.41 18.77
C ILE A 393 42.79 -5.41 18.10
N ASN A 394 43.27 -6.20 17.16
CA ASN A 394 42.40 -7.22 16.56
C ASN A 394 42.07 -8.38 17.49
N MET A 395 42.73 -8.45 18.65
CA MET A 395 42.30 -9.40 19.67
C MET A 395 40.93 -9.00 20.20
N ALA A 396 40.65 -7.70 20.15
CA ALA A 396 39.36 -7.17 20.61
C ALA A 396 38.28 -7.29 19.52
N PHE A 397 38.61 -6.92 18.29
CA PHE A 397 37.59 -6.78 17.25
C PHE A 397 37.65 -7.82 16.14
N GLY A 398 38.63 -8.71 16.21
CA GLY A 398 38.80 -9.77 15.24
C GLY A 398 39.68 -9.27 14.12
N ASN A 399 40.12 -10.20 13.28
CA ASN A 399 40.91 -9.85 12.12
C ASN A 399 39.93 -9.35 11.05
N ARG A 400 39.46 -8.13 11.20
CA ARG A 400 38.57 -7.59 10.19
C ARG A 400 39.29 -6.46 9.47
N VAL A 401 39.84 -5.52 10.23
CA VAL A 401 40.72 -4.50 9.68
C VAL A 401 42.08 -5.13 9.42
N THR A 402 42.62 -4.94 8.22
CA THR A 402 43.89 -5.56 7.85
C THR A 402 44.96 -4.54 7.48
N ASN A 403 44.52 -3.32 7.20
CA ASN A 403 45.44 -2.25 6.80
C ASN A 403 46.11 -1.58 8.00
N SER A 404 47.32 -1.99 8.34
CA SER A 404 48.01 -1.40 9.51
C SER A 404 48.38 0.08 9.32
N GLU A 405 48.38 0.56 8.07
CA GLU A 405 48.67 1.97 7.82
C GLU A 405 47.58 2.91 8.38
N LEU A 406 46.44 2.37 8.78
CA LEU A 406 45.41 3.16 9.45
C LEU A 406 45.85 3.57 10.85
N ILE A 407 46.81 2.82 11.39
CA ILE A 407 47.35 3.13 12.71
C ILE A 407 48.53 4.07 12.53
N VAL A 408 48.53 5.17 13.26
CA VAL A 408 49.58 6.17 13.05
C VAL A 408 50.15 6.62 14.38
N LEU A 409 51.40 7.08 14.34
CA LEU A 409 52.07 7.60 15.53
C LEU A 409 51.31 8.77 16.13
N ALA A 410 51.10 8.75 17.44
CA ALA A 410 50.41 9.85 18.09
C ALA A 410 51.26 11.10 17.99
N LYS A 411 50.61 12.26 17.90
CA LYS A 411 51.31 13.55 17.81
C LYS A 411 51.96 13.92 19.12
N ALA A 412 53.05 14.69 19.05
CA ALA A 412 53.82 15.08 20.21
C ALA A 412 53.01 15.91 21.21
N THR B 4 20.06 18.95 -17.51
CA THR B 4 18.66 19.06 -17.09
C THR B 4 17.71 19.26 -18.28
N TRP B 5 16.68 18.41 -18.36
CA TRP B 5 15.76 18.40 -19.50
C TRP B 5 14.39 18.95 -19.17
N ASN B 6 13.82 19.68 -20.14
CA ASN B 6 12.46 20.19 -20.08
C ASN B 6 11.55 19.32 -20.93
N PHE B 7 10.43 18.89 -20.36
CA PHE B 7 9.54 17.94 -21.00
C PHE B 7 8.23 18.50 -21.51
N HIS B 8 8.09 19.82 -21.53
CA HIS B 8 6.82 20.41 -21.93
C HIS B 8 6.31 19.87 -23.28
N GLN B 9 7.16 19.85 -24.29
CA GLN B 9 6.74 19.41 -25.62
C GLN B 9 6.54 17.92 -25.66
N TYR B 10 7.33 17.16 -24.90
CA TYR B 10 7.11 15.74 -24.73
C TYR B 10 5.67 15.44 -24.33
N TYR B 11 5.15 16.27 -23.42
CA TYR B 11 3.78 16.09 -22.96
C TYR B 11 2.75 16.62 -23.96
N THR B 12 2.99 17.79 -24.53
CA THR B 12 1.89 18.52 -25.17
C THR B 12 1.90 18.55 -26.70
N ASN B 13 3.00 18.13 -27.33
CA ASN B 13 3.02 18.19 -28.80
C ASN B 13 1.90 17.34 -29.36
N ARG B 14 1.07 17.94 -30.22
CA ARG B 14 -0.19 17.30 -30.57
C ARG B 14 -0.03 16.23 -31.65
N ASN B 15 1.16 16.17 -32.23
CA ASN B 15 1.44 15.15 -33.23
C ASN B 15 2.18 13.98 -32.60
N ASP B 16 3.27 14.28 -31.90
CA ASP B 16 4.25 13.30 -31.45
C ASP B 16 4.34 13.19 -29.95
N GLY B 17 3.82 14.19 -29.25
CA GLY B 17 3.89 14.18 -27.80
C GLY B 17 2.83 13.28 -27.20
N LEU B 18 2.81 13.20 -25.87
CA LEU B 18 1.89 12.28 -25.20
C LEU B 18 0.43 12.64 -25.51
N MET B 19 0.10 13.93 -25.54
CA MET B 19 -1.27 14.30 -25.97
C MET B 19 -1.55 13.76 -27.35
N GLY B 20 -0.58 13.84 -28.26
CA GLY B 20 -0.76 13.29 -29.60
C GLY B 20 -1.03 11.79 -29.59
N LYS B 21 -0.48 11.09 -28.60
CA LYS B 21 -0.69 9.65 -28.46
C LYS B 21 -2.00 9.29 -27.75
N LEU B 22 -2.51 10.21 -26.94
CA LEU B 22 -3.69 9.90 -26.12
C LEU B 22 -5.02 10.34 -26.74
N VAL B 23 -5.03 11.47 -27.45
CA VAL B 23 -6.30 12.04 -27.93
C VAL B 23 -6.79 11.25 -29.16
N LEU B 24 -8.04 10.84 -29.17
CA LEU B 24 -8.63 10.14 -30.33
C LEU B 24 -8.76 11.05 -31.56
N THR B 25 -8.59 10.50 -32.75
CA THR B 25 -8.82 11.30 -33.96
C THR B 25 -10.30 11.66 -34.10
N ASP B 26 -10.62 12.61 -34.98
CA ASP B 26 -12.04 12.97 -35.18
C ASP B 26 -12.82 11.77 -35.75
N GLU B 27 -12.17 11.02 -36.62
CA GLU B 27 -12.77 9.80 -37.16
C GLU B 27 -13.09 8.79 -36.08
N GLU B 28 -12.15 8.59 -35.16
CA GLU B 28 -12.37 7.65 -34.06
C GLU B 28 -13.47 8.18 -33.13
N LYS B 29 -13.42 9.46 -32.79
CA LYS B 29 -14.50 10.04 -32.02
C LYS B 29 -15.84 9.87 -32.68
N ASN B 30 -15.93 10.14 -33.99
CA ASN B 30 -17.24 10.06 -34.65
C ASN B 30 -17.73 8.63 -34.71
N ASN B 31 -16.80 7.69 -34.77
CA ASN B 31 -17.19 6.30 -34.76
C ASN B 31 -17.79 5.89 -33.43
N LEU B 32 -17.24 6.42 -32.34
CA LEU B 32 -17.84 6.19 -31.03
C LEU B 32 -19.23 6.82 -30.91
N LYS B 33 -19.37 8.04 -31.44
CA LYS B 33 -20.68 8.68 -31.50
C LYS B 33 -21.66 7.82 -32.30
N ALA B 34 -21.18 7.27 -33.41
CA ALA B 34 -22.06 6.40 -34.21
C ALA B 34 -22.51 5.20 -33.36
N LEU B 35 -21.59 4.63 -32.59
CA LEU B 35 -21.95 3.52 -31.71
C LEU B 35 -22.95 3.93 -30.63
N ARG B 36 -22.72 5.09 -30.02
CA ARG B 36 -23.67 5.59 -29.04
C ARG B 36 -25.07 5.73 -29.67
N LYS B 37 -25.15 6.29 -30.86
CA LYS B 37 -26.43 6.49 -31.55
C LYS B 37 -27.12 5.13 -31.83
N ILE B 38 -26.34 4.10 -32.16
CA ILE B 38 -26.95 2.80 -32.42
C ILE B 38 -27.65 2.28 -31.16
N ILE B 39 -26.98 2.43 -30.02
CA ILE B 39 -27.57 1.98 -28.77
C ILE B 39 -28.79 2.82 -28.41
N ARG B 40 -28.69 4.15 -28.55
CA ARG B 40 -29.82 5.03 -28.23
C ARG B 40 -31.06 4.73 -29.08
N LEU B 41 -30.85 4.56 -30.38
CA LEU B 41 -31.96 4.26 -31.27
C LEU B 41 -32.64 2.96 -30.91
N ARG B 42 -31.86 1.93 -30.59
CA ARG B 42 -32.44 0.64 -30.27
C ARG B 42 -33.19 0.74 -28.95
N THR B 43 -32.62 1.45 -27.98
CA THR B 43 -33.32 1.57 -26.69
C THR B 43 -34.64 2.31 -26.87
N ARG B 44 -34.59 3.38 -27.64
CA ARG B 44 -35.82 4.09 -27.96
C ARG B 44 -36.80 3.14 -28.68
N ASP B 45 -36.29 2.27 -29.56
CA ASP B 45 -37.19 1.39 -30.34
C ASP B 45 -37.85 0.32 -29.47
N VAL B 46 -37.06 -0.25 -28.57
CA VAL B 46 -37.54 -1.28 -27.65
C VAL B 46 -38.61 -0.71 -26.74
N PHE B 47 -38.40 0.51 -26.24
CA PHE B 47 -39.45 1.17 -25.46
C PHE B 47 -40.71 1.41 -26.27
N GLU B 48 -40.57 1.85 -27.52
CA GLU B 48 -41.77 2.01 -28.36
C GLU B 48 -42.51 0.69 -28.57
N GLU B 49 -41.78 -0.41 -28.68
CA GLU B 49 -42.44 -1.72 -28.87
C GLU B 49 -43.22 -2.13 -27.64
N ALA B 50 -42.61 -1.89 -26.48
CA ALA B 50 -43.23 -2.16 -25.19
C ALA B 50 -44.44 -1.27 -24.98
N LYS B 51 -44.30 0.02 -25.34
CA LYS B 51 -45.43 0.93 -25.23
C LYS B 51 -46.55 0.53 -26.17
N GLY B 52 -46.22 -0.04 -27.32
CA GLY B 52 -47.24 -0.49 -28.26
C GLY B 52 -48.10 -1.61 -27.67
N ILE B 53 -47.45 -2.51 -26.93
CA ILE B 53 -48.16 -3.59 -26.27
C ILE B 53 -49.01 -3.03 -25.13
N ALA B 54 -48.43 -2.14 -24.34
CA ALA B 54 -49.18 -1.47 -23.28
C ALA B 54 -50.42 -0.76 -23.85
N LYS B 55 -50.26 -0.22 -25.05
CA LYS B 55 -51.34 0.51 -25.71
C LYS B 55 -52.45 -0.47 -26.06
N ALA B 56 -52.06 -1.69 -26.42
CA ALA B 56 -53.04 -2.73 -26.74
C ALA B 56 -53.79 -3.17 -25.48
N VAL B 57 -53.04 -3.32 -24.39
CA VAL B 57 -53.66 -3.73 -23.12
C VAL B 57 -54.67 -2.68 -22.66
N LYS B 58 -54.39 -1.41 -22.93
CA LYS B 58 -55.31 -0.35 -22.55
C LYS B 58 -56.55 -0.38 -23.44
N LYS B 59 -56.36 -0.54 -24.74
CA LYS B 59 -57.46 -0.55 -25.69
C LYS B 59 -58.46 -1.65 -25.36
N SER B 60 -57.94 -2.81 -24.96
CA SER B 60 -58.78 -3.92 -24.53
C SER B 60 -58.01 -4.80 -23.57
N ALA B 61 -58.72 -5.42 -22.64
CA ALA B 61 -58.09 -6.33 -21.70
C ALA B 61 -57.49 -7.51 -22.45
N LEU B 62 -56.17 -7.64 -22.39
CA LEU B 62 -55.50 -8.77 -23.01
C LEU B 62 -55.12 -9.76 -21.93
N THR B 63 -55.32 -11.03 -22.23
CA THR B 63 -54.92 -12.10 -21.33
C THR B 63 -53.40 -12.11 -21.21
N PHE B 64 -52.89 -12.77 -20.19
CA PHE B 64 -51.46 -12.88 -20.03
C PHE B 64 -50.84 -13.58 -21.23
N GLU B 65 -51.51 -14.61 -21.77
CA GLU B 65 -50.94 -15.37 -22.88
C GLU B 65 -50.77 -14.52 -24.14
N ILE B 66 -51.77 -13.69 -24.44
CA ILE B 66 -51.69 -12.79 -25.57
C ILE B 66 -50.55 -11.78 -25.38
N ILE B 67 -50.46 -11.20 -24.19
CA ILE B 67 -49.37 -10.28 -23.92
C ILE B 67 -48.03 -11.00 -24.09
N GLN B 68 -47.94 -12.24 -23.63
CA GLN B 68 -46.72 -13.05 -23.78
C GLN B 68 -46.36 -13.21 -25.24
N GLU B 69 -47.36 -13.53 -26.07
CA GLU B 69 -47.19 -13.67 -27.51
C GLU B 69 -46.59 -12.44 -28.17
N LYS B 70 -47.16 -11.29 -27.84
CA LYS B 70 -46.74 -10.02 -28.42
C LYS B 70 -45.29 -9.71 -28.07
N VAL B 71 -44.95 -9.85 -26.79
CA VAL B 71 -43.59 -9.61 -26.34
C VAL B 71 -42.63 -10.48 -27.14
N SER B 72 -43.01 -11.73 -27.37
CA SER B 72 -42.12 -12.68 -28.06
C SER B 72 -41.87 -12.34 -29.54
N THR B 73 -42.65 -11.42 -30.11
CA THR B 73 -42.44 -11.00 -31.50
C THR B 73 -41.69 -9.68 -31.58
N THR B 74 -41.46 -9.06 -30.44
CA THR B 74 -40.72 -7.81 -30.42
C THR B 74 -39.25 -8.09 -30.21
N GLN B 75 -38.47 -7.03 -30.11
CA GLN B 75 -37.04 -7.20 -29.91
C GLN B 75 -36.77 -7.68 -28.49
N ILE B 76 -37.80 -7.71 -27.64
CA ILE B 76 -37.63 -8.27 -26.30
C ILE B 76 -37.41 -9.80 -26.36
N LYS B 77 -37.59 -10.37 -27.54
CA LYS B 77 -37.40 -11.80 -27.69
C LYS B 77 -35.95 -12.24 -27.46
N HIS B 78 -35.02 -11.29 -27.43
CA HIS B 78 -33.61 -11.62 -27.21
C HIS B 78 -33.28 -11.70 -25.72
N LEU B 79 -34.26 -11.42 -24.87
CA LEU B 79 -34.14 -11.78 -23.46
C LEU B 79 -34.38 -13.28 -23.32
N SER B 80 -34.00 -13.83 -22.17
CA SER B 80 -34.28 -15.23 -21.88
C SER B 80 -35.78 -15.41 -21.66
N ASP B 81 -36.26 -16.64 -21.76
CA ASP B 81 -37.68 -16.93 -21.60
C ASP B 81 -38.24 -16.47 -20.25
N SER B 82 -37.46 -16.65 -19.19
CA SER B 82 -37.88 -16.19 -17.88
C SER B 82 -38.01 -14.68 -17.85
N GLU B 83 -37.04 -14.02 -18.47
CA GLU B 83 -37.03 -12.56 -18.55
C GLU B 83 -38.16 -12.03 -19.41
N GLN B 84 -38.50 -12.76 -20.47
CA GLN B 84 -39.61 -12.37 -21.35
C GLN B 84 -40.92 -12.46 -20.57
N ARG B 85 -41.02 -13.49 -19.75
CA ARG B 85 -42.17 -13.69 -18.85
C ARG B 85 -42.32 -12.56 -17.82
N GLU B 86 -41.20 -12.09 -17.26
CA GLU B 86 -41.26 -10.99 -16.30
C GLU B 86 -41.78 -9.71 -16.96
N VAL B 87 -41.25 -9.39 -18.14
CA VAL B 87 -41.73 -8.23 -18.90
C VAL B 87 -43.23 -8.33 -19.17
N ALA B 88 -43.68 -9.50 -19.59
CA ALA B 88 -45.10 -9.72 -19.84
C ALA B 88 -45.93 -9.46 -18.60
N LYS B 89 -45.46 -10.00 -17.47
CA LYS B 89 -46.09 -9.83 -16.17
C LYS B 89 -46.23 -8.35 -15.79
N LEU B 90 -45.13 -7.62 -15.91
CA LEU B 90 -45.08 -6.21 -15.52
C LEU B 90 -46.04 -5.38 -16.35
N ILE B 91 -46.07 -5.65 -17.65
CA ILE B 91 -46.99 -4.97 -18.56
C ILE B 91 -48.44 -5.26 -18.22
N TYR B 92 -48.71 -6.53 -17.91
CA TYR B 92 -50.05 -7.00 -17.60
C TYR B 92 -50.56 -6.41 -16.28
N GLU B 93 -49.67 -6.33 -15.29
CA GLU B 93 -50.06 -6.01 -13.92
C GLU B 93 -50.10 -4.50 -13.58
N MET B 94 -49.71 -3.65 -14.51
CA MET B 94 -49.84 -2.20 -14.31
C MET B 94 -51.29 -1.82 -14.11
N ASP B 95 -51.56 -0.96 -13.15
CA ASP B 95 -52.90 -0.37 -13.05
C ASP B 95 -52.97 0.76 -14.07
N ASP B 96 -54.17 1.26 -14.33
CA ASP B 96 -54.39 2.29 -15.35
C ASP B 96 -53.50 3.51 -15.15
N ASP B 97 -53.19 3.85 -13.90
CA ASP B 97 -52.33 4.98 -13.61
C ASP B 97 -50.91 4.75 -14.09
N ALA B 98 -50.34 3.62 -13.67
CA ALA B 98 -48.99 3.26 -14.10
C ALA B 98 -48.91 3.08 -15.61
N ARG B 99 -49.93 2.46 -16.18
CA ARG B 99 -49.93 2.20 -17.61
C ARG B 99 -50.00 3.49 -18.45
N ASP B 100 -50.79 4.46 -18.00
CA ASP B 100 -50.93 5.71 -18.74
C ASP B 100 -49.63 6.53 -18.69
N GLU B 101 -48.91 6.45 -17.58
CA GLU B 101 -47.62 7.14 -17.47
C GLU B 101 -46.57 6.48 -18.38
N PHE B 102 -46.64 5.17 -18.48
CA PHE B 102 -45.72 4.43 -19.34
C PHE B 102 -45.94 4.80 -20.81
N LEU B 103 -47.20 4.94 -21.20
CA LEU B 103 -47.53 5.27 -22.59
C LEU B 103 -47.10 6.66 -23.04
N GLY B 104 -46.90 7.58 -22.10
CA GLY B 104 -46.49 8.92 -22.45
C GLY B 104 -45.00 9.17 -22.35
N LEU B 105 -44.25 8.23 -21.78
CA LEU B 105 -42.81 8.39 -21.57
C LEU B 105 -41.96 7.94 -22.76
N THR B 106 -40.91 8.70 -23.03
CA THR B 106 -39.87 8.28 -23.97
C THR B 106 -38.51 8.44 -23.28
N PRO B 107 -37.67 7.40 -23.34
CA PRO B 107 -36.36 7.45 -22.67
C PRO B 107 -35.53 8.58 -23.21
N ARG B 108 -34.75 9.20 -22.34
CA ARG B 108 -33.83 10.24 -22.73
C ARG B 108 -32.43 9.79 -22.48
N PHE B 109 -31.47 10.47 -23.10
CA PHE B 109 -30.09 10.01 -23.04
C PHE B 109 -29.15 11.15 -22.71
N TRP B 110 -28.12 10.87 -21.94
CA TRP B 110 -27.08 11.84 -21.65
C TRP B 110 -25.76 11.10 -21.41
N THR B 111 -24.72 11.51 -22.13
CA THR B 111 -23.42 10.90 -21.94
C THR B 111 -22.76 11.46 -20.67
N GLN B 112 -22.04 10.59 -19.98
CA GLN B 112 -21.27 10.99 -18.82
C GLN B 112 -19.85 10.45 -18.99
N GLY B 113 -19.00 10.67 -18.00
CA GLY B 113 -17.64 10.13 -18.04
C GLY B 113 -16.77 10.84 -19.07
N SER B 114 -15.68 10.19 -19.42
CA SER B 114 -14.62 10.88 -20.16
C SER B 114 -14.98 11.21 -21.62
N PHE B 115 -15.94 10.49 -22.22
CA PHE B 115 -16.38 10.86 -23.56
C PHE B 115 -17.13 12.19 -23.50
N GLN B 116 -17.80 12.46 -22.37
CA GLN B 116 -18.54 13.71 -22.20
C GLN B 116 -17.64 14.88 -21.85
N TYR B 117 -16.69 14.68 -20.95
CA TYR B 117 -15.92 15.87 -20.60
C TYR B 117 -14.50 15.86 -21.16
N ASP B 118 -14.32 15.07 -22.22
CA ASP B 118 -13.15 15.11 -23.12
C ASP B 118 -11.83 14.76 -22.43
N THR B 119 -11.81 13.60 -21.79
CA THR B 119 -10.59 13.09 -21.21
C THR B 119 -10.43 11.60 -21.56
N LEU B 120 -11.07 11.17 -22.65
CA LEU B 120 -10.99 9.77 -23.07
C LEU B 120 -9.67 9.47 -23.77
N ASN B 121 -8.85 8.63 -23.14
CA ASN B 121 -7.55 8.30 -23.69
C ASN B 121 -7.59 7.09 -24.61
N ARG B 122 -6.78 7.13 -25.66
CA ARG B 122 -6.48 5.93 -26.42
C ARG B 122 -5.94 4.89 -25.44
N PRO B 123 -6.49 3.67 -25.46
CA PRO B 123 -6.06 2.59 -24.56
C PRO B 123 -4.66 2.14 -24.90
N PHE B 124 -3.97 1.57 -23.93
CA PHE B 124 -2.56 1.28 -24.05
C PHE B 124 -2.29 -0.23 -24.05
N GLN B 125 -2.67 -0.92 -22.98
CA GLN B 125 -2.36 -2.34 -22.84
C GLN B 125 -3.50 -3.22 -23.31
N PRO B 126 -3.19 -4.47 -23.72
CA PRO B 126 -4.26 -5.40 -24.11
C PRO B 126 -5.28 -5.53 -22.99
N GLY B 127 -6.55 -5.48 -23.37
CA GLY B 127 -7.62 -5.54 -22.40
C GLY B 127 -8.17 -4.16 -22.12
N GLN B 128 -7.36 -3.11 -22.33
CA GLN B 128 -7.88 -1.75 -22.09
C GLN B 128 -8.69 -1.30 -23.29
N GLU B 129 -9.76 -0.54 -23.05
CA GLU B 129 -10.70 -0.23 -24.11
C GLU B 129 -11.17 1.20 -24.04
N MET B 130 -11.50 1.77 -25.21
CA MET B 130 -12.23 3.02 -25.26
C MET B 130 -13.60 2.80 -24.64
N ASP B 131 -13.98 3.66 -23.70
CA ASP B 131 -15.19 3.53 -22.90
C ASP B 131 -16.20 4.65 -23.21
N ILE B 132 -17.38 4.31 -23.72
CA ILE B 132 -18.46 5.32 -23.79
C ILE B 132 -19.44 5.09 -22.67
N ASP B 133 -19.63 6.09 -21.80
CA ASP B 133 -20.63 5.94 -20.72
C ASP B 133 -21.89 6.73 -21.08
N ASP B 134 -22.92 6.05 -21.57
CA ASP B 134 -24.09 6.77 -22.02
C ASP B 134 -25.32 6.42 -21.19
N GLY B 135 -25.76 7.38 -20.38
CA GLY B 135 -26.88 7.13 -19.49
C GLY B 135 -28.24 7.18 -20.16
N THR B 136 -29.12 6.27 -19.74
CA THR B 136 -30.52 6.27 -20.18
C THR B 136 -31.40 6.72 -19.02
N TYR B 137 -32.29 7.67 -19.30
CA TYR B 137 -33.08 8.35 -18.29
C TYR B 137 -34.58 8.13 -18.50
N MET B 138 -35.25 7.82 -17.40
CA MET B 138 -36.69 7.59 -17.32
C MET B 138 -37.32 8.72 -16.54
N PRO B 139 -38.16 9.53 -17.18
CA PRO B 139 -38.86 10.57 -16.40
C PRO B 139 -39.80 9.93 -15.38
N MET B 140 -39.68 10.25 -14.10
CA MET B 140 -40.48 9.55 -13.10
C MET B 140 -41.77 10.28 -12.78
N PRO B 141 -42.80 9.53 -12.40
CA PRO B 141 -44.08 10.10 -11.96
C PRO B 141 -44.03 10.65 -10.53
N GLY B 150 -41.80 0.77 -12.72
CA GLY B 150 -41.05 -0.27 -12.05
C GLY B 150 -39.56 -0.24 -12.36
N HIS B 151 -38.76 -0.35 -11.32
CA HIS B 151 -37.33 -0.59 -11.44
C HIS B 151 -37.03 -1.75 -12.39
N SER B 152 -37.80 -2.83 -12.23
CA SER B 152 -37.60 -4.05 -12.99
C SER B 152 -37.77 -3.84 -14.49
N LEU B 153 -38.86 -3.21 -14.88
CA LEU B 153 -39.16 -2.97 -16.28
C LEU B 153 -38.08 -2.09 -16.90
N LEU B 154 -37.62 -1.09 -16.15
CA LEU B 154 -36.61 -0.19 -16.70
C LEU B 154 -35.35 -0.98 -17.05
N ILE B 155 -34.92 -1.86 -16.15
CA ILE B 155 -33.70 -2.65 -16.41
C ILE B 155 -33.92 -3.75 -17.45
N LEU B 156 -35.08 -4.39 -17.42
CA LEU B 156 -35.37 -5.43 -18.42
C LEU B 156 -35.38 -4.87 -19.85
N LEU B 157 -35.97 -3.68 -20.04
CA LEU B 157 -36.09 -3.13 -21.38
C LEU B 157 -34.73 -2.63 -21.87
N VAL B 158 -33.93 -2.05 -20.98
CA VAL B 158 -32.59 -1.64 -21.41
C VAL B 158 -31.73 -2.87 -21.71
N ASP B 159 -31.81 -3.90 -20.88
CA ASP B 159 -31.13 -5.17 -21.18
C ASP B 159 -31.59 -5.77 -22.53
N ALA B 160 -32.89 -5.69 -22.83
CA ALA B 160 -33.42 -6.22 -24.07
C ALA B 160 -32.81 -5.48 -25.27
N SER B 161 -32.74 -4.16 -25.15
CA SER B 161 -32.13 -3.34 -26.18
C SER B 161 -30.71 -3.77 -26.48
N LEU B 162 -29.91 -3.84 -25.43
CA LEU B 162 -28.52 -4.23 -25.59
C LEU B 162 -28.38 -5.65 -26.11
N LYS B 163 -29.10 -6.60 -25.53
CA LYS B 163 -28.99 -7.97 -26.02
C LYS B 163 -29.50 -8.13 -27.46
N SER B 164 -30.47 -7.31 -27.86
CA SER B 164 -30.97 -7.39 -29.24
C SER B 164 -29.89 -6.92 -30.23
N LEU B 165 -29.04 -6.00 -29.79
CA LEU B 165 -27.91 -5.53 -30.60
C LEU B 165 -26.79 -6.54 -30.66
N VAL B 166 -26.51 -7.18 -29.52
CA VAL B 166 -25.50 -8.24 -29.45
C VAL B 166 -25.88 -9.36 -30.44
N ALA B 167 -27.17 -9.69 -30.49
CA ALA B 167 -27.67 -10.75 -31.37
C ALA B 167 -27.55 -10.45 -32.86
N GLU B 168 -27.24 -9.18 -33.19
CA GLU B 168 -27.09 -8.66 -34.55
C GLU B 168 -25.67 -8.36 -34.92
N ASN B 169 -24.73 -8.72 -34.05
CA ASN B 169 -23.33 -8.35 -34.27
C ASN B 169 -22.37 -9.40 -33.75
N HIS B 170 -21.67 -10.05 -34.67
CA HIS B 170 -20.62 -10.99 -34.31
C HIS B 170 -19.59 -10.27 -33.46
N GLY B 171 -19.13 -10.93 -32.42
CA GLY B 171 -18.07 -10.33 -31.60
C GLY B 171 -18.53 -9.32 -30.57
N TRP B 172 -19.82 -9.05 -30.51
CA TRP B 172 -20.36 -8.23 -29.41
C TRP B 172 -20.76 -9.11 -28.23
N LYS B 173 -20.64 -8.58 -27.03
CA LYS B 173 -20.95 -9.35 -25.85
C LYS B 173 -21.65 -8.46 -24.84
N PHE B 174 -22.74 -8.96 -24.26
CA PHE B 174 -23.44 -8.22 -23.21
C PHE B 174 -22.88 -8.60 -21.83
N GLU B 175 -22.72 -7.63 -20.95
CA GLU B 175 -22.28 -7.92 -19.58
C GLU B 175 -23.11 -7.08 -18.63
N ALA B 176 -23.71 -7.73 -17.64
CA ALA B 176 -24.49 -7.02 -16.64
C ALA B 176 -23.56 -6.60 -15.50
N LYS B 177 -23.63 -5.34 -15.11
CA LYS B 177 -22.86 -4.88 -13.95
C LYS B 177 -23.82 -4.26 -12.96
N GLN B 178 -23.33 -3.99 -11.77
CA GLN B 178 -24.16 -3.51 -10.69
C GLN B 178 -24.82 -2.17 -11.04
N THR B 179 -24.10 -1.33 -11.78
CA THR B 179 -24.60 0.02 -12.06
C THR B 179 -24.91 0.29 -13.54
N CYS B 180 -24.81 -0.74 -14.39
CA CYS B 180 -25.07 -0.56 -15.81
C CYS B 180 -25.21 -1.87 -16.57
N GLY B 181 -25.70 -1.73 -17.79
CA GLY B 181 -25.57 -2.77 -18.81
C GLY B 181 -24.38 -2.35 -19.65
N ARG B 182 -23.67 -3.33 -20.21
CA ARG B 182 -22.50 -3.06 -21.03
C ARG B 182 -22.56 -3.89 -22.30
N ILE B 183 -22.17 -3.29 -23.42
CA ILE B 183 -21.83 -4.06 -24.60
C ILE B 183 -20.35 -3.95 -24.83
N LYS B 184 -19.68 -5.10 -24.92
CA LYS B 184 -18.25 -5.13 -25.13
C LYS B 184 -17.98 -5.52 -26.58
N ILE B 185 -17.07 -4.81 -27.23
CA ILE B 185 -16.62 -5.16 -28.55
C ILE B 185 -15.12 -5.34 -28.52
N GLU B 186 -14.69 -6.53 -28.12
CA GLU B 186 -13.29 -6.73 -27.76
C GLU B 186 -12.37 -6.50 -28.95
N ALA B 187 -12.78 -6.94 -30.14
CA ALA B 187 -11.91 -6.86 -31.31
C ALA B 187 -11.71 -5.41 -31.73
N GLU B 188 -12.60 -4.52 -31.32
CA GLU B 188 -12.47 -3.11 -31.62
C GLU B 188 -12.00 -2.32 -30.41
N LYS B 189 -11.62 -3.00 -29.32
CA LYS B 189 -11.10 -2.31 -28.14
C LYS B 189 -12.05 -1.24 -27.61
N THR B 190 -13.33 -1.56 -27.55
CA THR B 190 -14.36 -0.58 -27.25
C THR B 190 -15.46 -1.20 -26.42
N HIS B 191 -15.99 -0.47 -25.45
CA HIS B 191 -17.23 -0.93 -24.84
C HIS B 191 -18.08 0.30 -24.53
N ILE B 192 -19.38 0.06 -24.40
CA ILE B 192 -20.32 1.14 -24.10
C ILE B 192 -21.09 0.70 -22.86
N ASP B 193 -21.08 1.58 -21.86
CA ASP B 193 -21.79 1.38 -20.59
C ASP B 193 -23.09 2.17 -20.59
N VAL B 194 -24.16 1.55 -20.09
CA VAL B 194 -25.44 2.24 -20.04
C VAL B 194 -25.98 2.17 -18.61
N PRO B 195 -25.59 3.15 -17.78
CA PRO B 195 -26.25 3.34 -16.49
C PRO B 195 -27.68 3.84 -16.71
N MET B 196 -28.59 3.46 -15.82
CA MET B 196 -30.00 3.78 -16.01
C MET B 196 -30.49 4.67 -14.88
N TYR B 197 -31.28 5.68 -15.20
CA TYR B 197 -31.70 6.66 -14.19
C TYR B 197 -33.18 6.93 -14.21
N ALA B 198 -33.71 7.26 -13.03
CA ALA B 198 -35.02 7.85 -12.88
C ALA B 198 -34.80 9.33 -12.59
N ILE B 199 -35.51 10.20 -13.29
CA ILE B 199 -35.42 11.63 -13.03
C ILE B 199 -36.82 12.23 -12.93
N PRO B 200 -36.97 13.36 -12.22
CA PRO B 200 -38.33 13.90 -12.07
C PRO B 200 -38.93 14.44 -13.37
N LYS B 201 -40.08 13.89 -13.75
CA LYS B 201 -40.78 14.34 -14.95
C LYS B 201 -41.28 15.76 -14.74
N ASP B 202 -41.66 16.06 -13.50
CA ASP B 202 -42.24 17.36 -13.15
C ASP B 202 -41.29 18.46 -13.59
N GLU B 203 -39.99 18.20 -13.49
CA GLU B 203 -39.00 19.15 -13.95
C GLU B 203 -38.64 18.99 -15.41
N PHE B 204 -38.39 17.74 -15.82
CA PHE B 204 -37.95 17.49 -17.19
C PHE B 204 -39.04 17.80 -18.20
N SER B 242 -31.13 17.91 -9.35
CA SER B 242 -30.06 16.96 -9.01
C SER B 242 -30.47 16.05 -7.87
N GLU B 243 -31.36 16.56 -7.02
CA GLU B 243 -31.82 15.88 -5.82
C GLU B 243 -32.51 14.55 -6.11
N ASN B 244 -33.16 14.47 -7.26
CA ASN B 244 -34.01 13.35 -7.59
C ASN B 244 -33.47 12.52 -8.74
N VAL B 245 -32.21 12.73 -9.10
CA VAL B 245 -31.59 11.88 -10.12
C VAL B 245 -31.11 10.62 -9.45
N ASN B 246 -31.78 9.53 -9.80
CA ASN B 246 -31.57 8.26 -9.13
C ASN B 246 -30.98 7.25 -10.08
N LEU B 247 -29.79 6.78 -9.74
CA LEU B 247 -29.13 5.72 -10.49
C LEU B 247 -29.69 4.37 -10.06
N ALA B 248 -30.14 3.58 -11.02
CA ALA B 248 -30.65 2.24 -10.72
C ALA B 248 -29.49 1.31 -10.37
N LEU B 249 -29.66 0.51 -9.34
CA LEU B 249 -28.67 -0.50 -8.99
C LEU B 249 -29.27 -1.87 -9.26
N ARG B 250 -28.45 -2.77 -9.80
CA ARG B 250 -28.98 -4.03 -10.30
C ARG B 250 -29.32 -5.05 -9.21
N GLU B 251 -28.44 -5.20 -8.21
CA GLU B 251 -28.68 -6.16 -7.12
C GLU B 251 -28.54 -5.53 -5.74
N GLY B 252 -29.04 -6.22 -4.72
CA GLY B 252 -28.86 -5.77 -3.36
C GLY B 252 -30.06 -5.08 -2.75
N ASP B 253 -29.83 -4.49 -1.59
CA ASP B 253 -30.91 -3.94 -0.79
C ASP B 253 -31.38 -2.56 -1.28
N ARG B 254 -30.46 -1.71 -1.73
CA ARG B 254 -30.88 -0.43 -2.32
C ARG B 254 -30.95 -0.56 -3.84
N LYS B 255 -32.12 -0.25 -4.38
CA LYS B 255 -32.38 -0.34 -5.81
C LYS B 255 -32.05 0.97 -6.53
N TRP B 256 -32.02 2.05 -5.77
CA TRP B 256 -31.73 3.40 -6.28
C TRP B 256 -30.75 4.11 -5.38
N ILE B 257 -29.87 4.92 -5.97
CA ILE B 257 -29.08 5.85 -5.17
C ILE B 257 -29.08 7.21 -5.84
N ASN B 258 -29.12 8.26 -5.03
CA ASN B 258 -29.03 9.61 -5.56
C ASN B 258 -27.60 9.86 -6.02
N SER B 259 -27.39 9.86 -7.34
CA SER B 259 -26.08 10.13 -7.88
C SER B 259 -26.16 10.75 -9.27
N ASP B 260 -26.16 12.07 -9.32
CA ASP B 260 -26.27 12.80 -10.57
C ASP B 260 -24.91 12.97 -11.22
N PRO B 261 -24.70 12.33 -12.36
CA PRO B 261 -23.40 12.42 -13.04
C PRO B 261 -23.08 13.84 -13.48
N LYS B 262 -24.11 14.66 -13.72
CA LYS B 262 -23.87 16.02 -14.19
C LYS B 262 -23.13 16.86 -13.13
N ILE B 263 -23.27 16.47 -11.87
CA ILE B 263 -22.53 17.14 -10.80
C ILE B 263 -21.03 17.03 -11.07
N VAL B 264 -20.57 15.84 -11.45
CA VAL B 264 -19.17 15.63 -11.75
C VAL B 264 -18.80 16.36 -13.03
N GLU B 265 -19.68 16.26 -14.04
CA GLU B 265 -19.41 16.95 -15.30
C GLU B 265 -19.25 18.47 -15.05
N ASP B 266 -20.17 19.05 -14.31
CA ASP B 266 -20.14 20.49 -14.07
C ASP B 266 -18.95 20.92 -13.24
N TRP B 267 -18.66 20.14 -12.19
CA TRP B 267 -17.52 20.42 -11.31
C TRP B 267 -16.23 20.36 -12.11
N PHE B 268 -16.12 19.38 -12.99
CA PHE B 268 -14.89 19.26 -13.77
C PHE B 268 -14.77 20.35 -14.81
N ASN B 269 -15.87 20.66 -15.50
CA ASN B 269 -15.85 21.74 -16.48
C ASN B 269 -15.52 23.07 -15.83
N ASP B 270 -16.13 23.31 -14.65
CA ASP B 270 -15.86 24.55 -13.91
C ASP B 270 -14.39 24.58 -13.50
N SER B 271 -13.88 23.43 -13.07
CA SER B 271 -12.48 23.35 -12.65
C SER B 271 -11.54 23.66 -13.81
N CYS B 272 -11.88 23.18 -15.02
CA CYS B 272 -11.07 23.45 -16.21
C CYS B 272 -11.04 24.97 -16.51
N ILE B 273 -12.19 25.62 -16.38
CA ILE B 273 -12.27 27.07 -16.61
C ILE B 273 -11.50 27.84 -15.52
N ARG B 274 -11.60 27.36 -14.28
CA ARG B 274 -10.94 27.98 -13.13
C ARG B 274 -9.43 27.78 -13.13
N ILE B 275 -8.98 26.56 -13.32
CA ILE B 275 -7.56 26.26 -13.25
C ILE B 275 -6.86 26.54 -14.57
N GLY B 276 -7.49 26.17 -15.68
CA GLY B 276 -6.93 26.42 -17.00
C GLY B 276 -6.99 25.23 -17.94
N LYS B 277 -6.63 25.47 -19.19
CA LYS B 277 -6.63 24.47 -20.26
C LYS B 277 -5.73 23.25 -19.98
N HIS B 278 -4.76 23.41 -19.09
CA HIS B 278 -3.81 22.32 -18.83
C HIS B 278 -4.41 21.28 -17.93
N LEU B 279 -5.52 21.61 -17.27
CA LEU B 279 -6.14 20.63 -16.34
C LEU B 279 -6.54 19.37 -17.08
N ARG B 280 -7.25 19.52 -18.20
CA ARG B 280 -7.64 18.36 -18.98
C ARG B 280 -6.40 17.55 -19.41
N LYS B 281 -5.31 18.25 -19.73
CA LYS B 281 -4.07 17.57 -20.14
C LYS B 281 -3.46 16.78 -19.00
N VAL B 282 -3.32 17.38 -17.83
CA VAL B 282 -2.66 16.66 -16.75
C VAL B 282 -3.55 15.51 -16.28
N CYS B 283 -4.86 15.68 -16.35
CA CYS B 283 -5.77 14.57 -16.05
C CYS B 283 -5.59 13.39 -17.02
N ARG B 284 -5.47 13.69 -18.32
CA ARG B 284 -5.12 12.65 -19.28
C ARG B 284 -3.77 11.99 -18.97
N PHE B 285 -2.76 12.78 -18.59
CA PHE B 285 -1.43 12.18 -18.28
C PHE B 285 -1.49 11.27 -17.08
N MET B 286 -2.24 11.64 -16.06
CA MET B 286 -2.32 10.76 -14.90
C MET B 286 -3.05 9.45 -15.21
N LYS B 287 -4.08 9.54 -16.05
CA LYS B 287 -4.82 8.36 -16.49
C LYS B 287 -3.91 7.48 -17.38
N ALA B 288 -3.06 8.12 -18.17
CA ALA B 288 -2.12 7.35 -19.01
C ALA B 288 -1.06 6.64 -18.15
N TRP B 289 -0.58 7.33 -17.11
CA TRP B 289 0.33 6.71 -16.13
C TRP B 289 -0.37 5.48 -15.53
N ARG B 290 -1.61 5.66 -15.11
CA ARG B 290 -2.37 4.57 -14.50
C ARG B 290 -2.47 3.38 -15.49
N ASP B 291 -2.79 3.70 -16.75
CA ASP B 291 -2.92 2.67 -17.79
C ASP B 291 -1.61 1.96 -18.09
N ALA B 292 -0.50 2.67 -17.93
CA ALA B 292 0.81 2.04 -18.16
C ALA B 292 1.29 1.22 -16.94
N GLN B 293 0.85 1.56 -15.73
CA GLN B 293 1.31 0.83 -14.53
C GLN B 293 0.49 -0.43 -14.19
N TRP B 294 -0.78 -0.47 -14.62
CA TRP B 294 -1.67 -1.62 -14.39
C TRP B 294 -2.44 -1.93 -15.67
N ASP B 295 -2.43 -3.17 -16.15
CA ASP B 295 -3.25 -3.46 -17.32
C ASP B 295 -4.71 -3.35 -16.90
N VAL B 296 -5.01 -3.75 -15.68
CA VAL B 296 -6.32 -3.47 -15.13
C VAL B 296 -6.13 -3.08 -13.67
N GLY B 297 -6.94 -2.15 -13.19
CA GLY B 297 -6.80 -1.70 -11.82
C GLY B 297 -6.08 -0.39 -11.68
N GLY B 298 -5.62 -0.11 -10.47
CA GLY B 298 -5.07 1.19 -10.19
C GLY B 298 -6.18 2.09 -9.69
N PRO B 299 -5.84 3.33 -9.37
CA PRO B 299 -6.84 4.28 -8.88
C PRO B 299 -7.85 4.65 -9.96
N SER B 300 -9.08 4.89 -9.55
CA SER B 300 -10.13 5.28 -10.50
C SER B 300 -9.77 6.61 -11.20
N SER B 301 -10.25 6.76 -12.42
CA SER B 301 -10.00 7.99 -13.16
C SER B 301 -10.55 9.18 -12.39
N ILE B 302 -11.72 9.03 -11.75
CA ILE B 302 -12.33 10.15 -11.05
C ILE B 302 -11.54 10.52 -9.78
N SER B 303 -10.94 9.54 -9.10
CA SER B 303 -10.10 9.85 -7.94
C SER B 303 -8.85 10.62 -8.37
N LEU B 304 -8.30 10.28 -9.53
CA LEU B 304 -7.14 11.02 -10.05
C LEU B 304 -7.53 12.44 -10.42
N MET B 305 -8.65 12.60 -11.11
CA MET B 305 -9.14 13.94 -11.41
C MET B 305 -9.33 14.79 -10.17
N ALA B 306 -9.98 14.24 -9.15
CA ALA B 306 -10.25 14.98 -7.93
C ALA B 306 -8.96 15.39 -7.21
N ALA B 307 -8.03 14.45 -7.10
CA ALA B 307 -6.77 14.73 -6.41
C ALA B 307 -5.99 15.80 -7.18
N THR B 308 -6.01 15.70 -8.50
CA THR B 308 -5.26 16.63 -9.34
C THR B 308 -5.85 18.03 -9.25
N VAL B 309 -7.16 18.13 -9.33
CA VAL B 309 -7.82 19.43 -9.13
C VAL B 309 -7.45 20.05 -7.75
N ASN B 310 -7.51 19.25 -6.69
CA ASN B 310 -7.16 19.75 -5.35
C ASN B 310 -5.74 20.32 -5.31
N ILE B 311 -4.82 19.58 -5.89
CA ILE B 311 -3.45 20.04 -5.95
C ILE B 311 -3.32 21.33 -6.75
N LEU B 312 -3.91 21.36 -7.95
CA LEU B 312 -3.70 22.52 -8.81
C LEU B 312 -4.44 23.74 -8.25
N ASP B 313 -5.45 23.51 -7.43
CA ASP B 313 -6.18 24.59 -6.74
C ASP B 313 -5.36 25.15 -5.57
N SER B 314 -4.48 24.34 -4.99
CA SER B 314 -3.83 24.76 -3.75
C SER B 314 -2.30 24.89 -3.81
N VAL B 315 -1.71 24.57 -4.96
CA VAL B 315 -0.27 24.65 -5.15
C VAL B 315 0.05 25.53 -6.35
N ALA B 316 0.93 26.51 -6.19
CA ALA B 316 1.35 27.33 -7.31
C ALA B 316 2.03 26.47 -8.36
N HIS B 317 1.73 26.74 -9.63
CA HIS B 317 2.36 26.00 -10.71
C HIS B 317 2.39 26.89 -11.93
N ASP B 318 3.08 26.42 -12.96
CA ASP B 318 3.23 27.18 -14.20
C ASP B 318 2.67 26.37 -15.36
N ALA B 319 1.52 26.79 -15.86
CA ALA B 319 0.86 26.11 -16.98
C ALA B 319 1.69 26.10 -18.26
N SER B 320 2.62 27.05 -18.40
CA SER B 320 3.45 27.10 -19.60
C SER B 320 4.59 26.06 -19.57
N ASP B 321 4.71 25.30 -18.50
CA ASP B 321 5.67 24.19 -18.45
C ASP B 321 4.99 23.01 -17.81
N LEU B 322 4.36 22.15 -18.63
CA LEU B 322 3.64 21.03 -18.07
C LEU B 322 4.59 19.99 -17.50
N GLY B 323 5.86 20.01 -17.91
CA GLY B 323 6.82 19.12 -17.29
C GLY B 323 6.96 19.41 -15.80
N GLU B 324 7.11 20.70 -15.49
CA GLU B 324 7.22 21.19 -14.13
C GLU B 324 5.89 20.99 -13.40
N THR B 325 4.78 21.26 -14.11
CA THR B 325 3.48 21.06 -13.47
C THR B 325 3.29 19.59 -13.16
N MET B 326 3.68 18.69 -14.07
CA MET B 326 3.52 17.27 -13.76
C MET B 326 4.42 16.82 -12.57
N LYS B 327 5.61 17.40 -12.47
CA LYS B 327 6.49 17.13 -11.34
C LYS B 327 5.80 17.54 -10.03
N ILE B 328 5.12 18.68 -10.03
CA ILE B 328 4.39 19.16 -8.86
C ILE B 328 3.22 18.25 -8.53
N ILE B 329 2.47 17.84 -9.54
CA ILE B 329 1.37 16.91 -9.31
C ILE B 329 1.90 15.60 -8.72
N ALA B 330 2.95 15.07 -9.33
CA ALA B 330 3.51 13.81 -8.90
C ALA B 330 4.01 13.87 -7.44
N LYS B 331 4.64 14.99 -7.08
CA LYS B 331 5.15 15.22 -5.71
C LYS B 331 4.04 15.23 -4.66
N HIS B 332 2.86 15.71 -5.02
CA HIS B 332 1.77 15.94 -4.07
C HIS B 332 0.70 14.83 -4.07
N LEU B 333 0.61 14.05 -5.14
CA LEU B 333 -0.45 13.02 -5.20
C LEU B 333 -0.45 12.02 -4.03
N PRO B 334 0.74 11.53 -3.61
CA PRO B 334 0.69 10.56 -2.49
C PRO B 334 -0.03 11.11 -1.24
N SER B 335 0.25 12.34 -0.83
CA SER B 335 -0.41 12.89 0.34
C SER B 335 -1.91 13.07 0.09
N GLU B 336 -2.30 13.42 -1.14
CA GLU B 336 -3.73 13.49 -1.47
C GLU B 336 -4.40 12.15 -1.28
N PHE B 337 -3.80 11.09 -1.80
CA PHE B 337 -4.42 9.77 -1.65
C PHE B 337 -4.30 9.24 -0.21
N ALA B 338 -3.19 9.56 0.47
CA ALA B 338 -3.01 9.14 1.85
C ALA B 338 -4.10 9.76 2.74
N ARG B 339 -4.49 11.00 2.45
CA ARG B 339 -5.53 11.62 3.27
C ARG B 339 -6.93 11.12 2.95
N GLY B 340 -7.08 10.46 1.80
CA GLY B 340 -8.38 10.05 1.29
C GLY B 340 -8.89 11.10 0.32
N VAL B 341 -9.53 10.66 -0.75
CA VAL B 341 -9.98 11.57 -1.79
C VAL B 341 -11.50 11.63 -1.73
N GLU B 342 -12.04 12.82 -1.45
CA GLU B 342 -13.49 12.95 -1.36
C GLU B 342 -14.07 13.22 -2.76
N SER B 343 -15.28 12.76 -2.97
CA SER B 343 -15.97 13.02 -4.21
C SER B 343 -16.30 14.50 -4.32
N PRO B 344 -16.19 15.06 -5.54
CA PRO B 344 -16.72 16.41 -5.77
C PRO B 344 -18.23 16.53 -5.52
N ASP B 345 -18.94 15.39 -5.53
CA ASP B 345 -20.36 15.35 -5.17
C ASP B 345 -20.51 15.26 -3.66
N SER B 346 -20.93 16.36 -3.04
CA SER B 346 -21.00 16.44 -1.58
C SER B 346 -22.10 15.57 -0.95
N THR B 347 -23.02 15.07 -1.78
CA THR B 347 -24.08 14.18 -1.28
C THR B 347 -23.56 12.75 -1.23
N ASP B 348 -22.43 12.49 -1.88
CA ASP B 348 -21.77 11.20 -1.83
C ASP B 348 -20.83 11.15 -0.62
N GLU B 349 -21.13 10.27 0.31
CA GLU B 349 -20.38 10.20 1.55
C GLU B 349 -19.19 9.25 1.46
N LYS B 350 -19.28 8.30 0.54
CA LYS B 350 -18.20 7.36 0.28
C LYS B 350 -17.02 8.09 -0.37
N PRO B 351 -15.80 7.91 0.16
CA PRO B 351 -14.66 8.53 -0.53
C PRO B 351 -14.40 7.89 -1.88
N LEU B 352 -13.76 8.62 -2.78
CA LEU B 352 -13.30 8.07 -4.04
C LEU B 352 -12.16 7.12 -3.80
N PHE B 353 -11.40 7.41 -2.75
CA PHE B 353 -10.25 6.60 -2.36
C PHE B 353 -10.11 6.74 -0.86
N PRO B 354 -9.97 5.62 -0.13
CA PRO B 354 -9.98 5.68 1.34
C PRO B 354 -8.74 6.30 1.94
N PRO B 355 -8.85 6.88 3.14
CA PRO B 355 -7.72 7.44 3.87
C PRO B 355 -6.77 6.35 4.34
N SER B 356 -5.51 6.71 4.60
CA SER B 356 -4.43 5.73 4.80
C SER B 356 -4.69 4.74 5.94
N TYR B 357 -5.46 5.13 6.96
CA TYR B 357 -5.66 4.22 8.07
C TYR B 357 -6.57 3.05 7.68
N LYS B 358 -7.25 3.17 6.53
CA LYS B 358 -8.14 2.15 6.00
C LYS B 358 -7.52 1.34 4.87
N HIS B 359 -6.28 1.65 4.50
CA HIS B 359 -5.66 1.05 3.32
C HIS B 359 -5.41 -0.45 3.49
N GLY B 360 -5.80 -1.21 2.46
CA GLY B 360 -5.48 -2.63 2.40
C GLY B 360 -4.45 -2.80 1.29
N PRO B 361 -4.20 -4.07 0.90
CA PRO B 361 -3.24 -4.38 -0.17
C PRO B 361 -3.44 -3.56 -1.47
N ARG B 362 -4.68 -3.39 -1.90
CA ARG B 362 -4.93 -2.69 -3.16
C ARG B 362 -4.46 -1.24 -3.07
N GLU B 363 -4.84 -0.58 -1.99
CA GLU B 363 -4.48 0.82 -1.77
C GLU B 363 -2.97 0.98 -1.55
N MET B 364 -2.36 0.00 -0.87
CA MET B 364 -0.93 0.09 -0.58
C MET B 364 -0.17 0.03 -1.87
N ASP B 365 -0.67 -0.79 -2.79
CA ASP B 365 -0.02 -0.97 -4.07
C ASP B 365 -0.11 0.31 -4.86
N ILE B 366 -1.27 0.96 -4.82
CA ILE B 366 -1.46 2.25 -5.48
C ILE B 366 -0.55 3.32 -4.88
N MET B 367 -0.48 3.34 -3.56
CA MET B 367 0.40 4.30 -2.86
C MET B 367 1.85 4.09 -3.29
N SER B 368 2.26 2.82 -3.38
CA SER B 368 3.64 2.51 -3.74
C SER B 368 3.98 3.07 -5.11
N LYS B 369 3.10 2.84 -6.07
CA LYS B 369 3.34 3.35 -7.44
C LYS B 369 3.23 4.87 -7.51
N LEU B 370 2.30 5.46 -6.76
CA LEU B 370 2.24 6.93 -6.67
C LEU B 370 3.54 7.51 -6.13
N GLU B 371 4.11 6.87 -5.11
CA GLU B 371 5.33 7.41 -4.49
C GLU B 371 6.52 7.26 -5.43
N ARG B 372 6.48 6.25 -6.28
CA ARG B 372 7.52 6.02 -7.27
C ARG B 372 7.50 7.07 -8.40
N LEU B 373 6.33 7.62 -8.72
CA LEU B 373 6.19 8.50 -9.88
C LEU B 373 7.11 9.74 -9.83
N PRO B 374 7.13 10.50 -8.70
CA PRO B 374 8.11 11.61 -8.63
C PRO B 374 9.56 11.17 -8.87
N GLU B 375 9.91 9.97 -8.41
CA GLU B 375 11.28 9.46 -8.57
C GLU B 375 11.58 9.24 -10.05
N ILE B 376 10.60 8.70 -10.78
CA ILE B 376 10.76 8.47 -12.21
C ILE B 376 10.97 9.79 -12.91
N LEU B 377 10.11 10.77 -12.60
CA LEU B 377 10.20 12.07 -13.23
C LEU B 377 11.52 12.78 -12.93
N SER B 378 12.02 12.64 -11.70
CA SER B 378 13.31 13.24 -11.32
C SER B 378 14.44 12.60 -12.10
N SER B 379 14.37 11.28 -12.19
CA SER B 379 15.39 10.51 -12.88
C SER B 379 15.50 10.93 -14.35
N ALA B 380 14.36 11.11 -15.00
CA ALA B 380 14.33 11.50 -16.39
C ALA B 380 14.97 12.87 -16.58
N GLU B 381 14.64 13.77 -15.67
CA GLU B 381 15.08 15.15 -15.77
C GLU B 381 16.61 15.28 -15.78
N SER B 382 17.30 14.36 -15.11
CA SER B 382 18.75 14.45 -15.02
C SER B 382 19.46 13.34 -15.80
N ALA B 383 18.76 12.74 -16.76
CA ALA B 383 19.37 11.73 -17.63
C ALA B 383 20.47 12.36 -18.48
N ASP B 384 21.34 11.51 -19.02
CA ASP B 384 22.54 11.98 -19.73
C ASP B 384 22.32 12.41 -21.18
N SER B 385 21.19 12.04 -21.74
CA SER B 385 20.88 12.38 -23.12
C SER B 385 19.37 12.41 -23.32
N LYS B 386 18.95 12.95 -24.46
CA LYS B 386 17.53 13.02 -24.77
C LYS B 386 16.93 11.63 -24.85
N SER B 387 17.63 10.73 -25.51
CA SER B 387 17.10 9.39 -25.69
C SER B 387 17.04 8.65 -24.34
N GLU B 388 18.02 8.88 -23.48
CA GLU B 388 17.99 8.31 -22.13
C GLU B 388 16.85 8.90 -21.31
N ALA B 389 16.65 10.22 -21.42
CA ALA B 389 15.51 10.87 -20.73
C ALA B 389 14.17 10.32 -21.20
N LEU B 390 14.04 10.13 -22.51
CA LEU B 390 12.83 9.58 -23.08
C LEU B 390 12.55 8.21 -22.46
N LYS B 391 13.59 7.38 -22.39
CA LYS B 391 13.49 6.04 -21.84
C LYS B 391 12.96 6.07 -20.42
N LYS B 392 13.51 6.96 -19.62
CA LYS B 392 13.13 7.03 -18.22
C LYS B 392 11.73 7.56 -18.00
N ILE B 393 11.34 8.63 -18.67
CA ILE B 393 10.00 9.14 -18.45
C ILE B 393 8.96 8.16 -19.03
N ASN B 394 9.32 7.39 -20.05
CA ASN B 394 8.38 6.41 -20.55
C ASN B 394 8.17 5.26 -19.57
N MET B 395 8.99 5.18 -18.51
CA MET B 395 8.73 4.24 -17.42
C MET B 395 7.46 4.65 -16.67
N ALA B 396 7.12 5.93 -16.73
CA ALA B 396 5.88 6.43 -16.12
C ALA B 396 4.68 6.29 -17.06
N PHE B 397 4.82 6.70 -18.31
CA PHE B 397 3.64 6.85 -19.17
C PHE B 397 3.56 5.79 -20.25
N GLY B 398 4.57 4.93 -20.25
CA GLY B 398 4.66 3.81 -21.17
C GLY B 398 5.44 4.22 -22.40
N ASN B 399 5.85 3.26 -23.21
CA ASN B 399 6.52 3.60 -24.45
C ASN B 399 5.52 3.93 -25.57
N ARG B 400 5.04 5.17 -25.52
CA ARG B 400 4.10 5.66 -26.52
C ARG B 400 4.77 6.76 -27.32
N VAL B 401 5.35 7.72 -26.62
CA VAL B 401 6.16 8.76 -27.24
C VAL B 401 7.50 8.17 -27.68
N THR B 402 7.89 8.43 -28.92
CA THR B 402 9.12 7.87 -29.46
C THR B 402 10.07 8.95 -29.92
N ASN B 403 9.53 10.14 -30.15
CA ASN B 403 10.32 11.25 -30.64
C ASN B 403 11.11 11.93 -29.54
N SER B 404 12.37 11.52 -29.37
CA SER B 404 13.19 12.08 -28.30
C SER B 404 13.52 13.56 -28.50
N GLU B 405 13.41 14.04 -29.74
CA GLU B 405 13.67 15.46 -30.02
C GLU B 405 12.65 16.43 -29.40
N LEU B 406 11.57 15.88 -28.86
CA LEU B 406 10.60 16.69 -28.11
C LEU B 406 11.16 17.15 -26.77
N ILE B 407 12.19 16.47 -26.29
CA ILE B 407 12.82 16.83 -25.03
C ILE B 407 13.92 17.84 -25.29
N VAL B 408 13.92 18.93 -24.54
CA VAL B 408 14.82 20.03 -24.79
C VAL B 408 15.57 20.42 -23.53
N LEU B 409 16.73 21.03 -23.70
CA LEU B 409 17.54 21.52 -22.57
C LEU B 409 16.77 22.55 -21.73
N ALA B 410 16.79 22.41 -20.42
CA ALA B 410 16.07 23.32 -19.53
C ALA B 410 16.65 24.74 -19.55
MG MG C . 16.06 -9.98 15.65
MG MG D . 18.04 -6.80 15.99
C21 38V E . 16.27 -7.66 23.95
C26 38V E . 13.43 -3.96 24.83
N01 38V E . 9.11 -4.15 22.32
C02 38V E . 9.89 -5.29 22.76
N03 38V E . 10.40 -6.15 21.82
C04 38V E . 11.15 -7.19 22.23
C05 38V E . 11.38 -7.39 23.60
N06 38V E . 12.14 -8.50 23.72
C07 38V E . 12.39 -8.99 22.46
N08 38V E . 11.75 -8.21 21.56
C09 38V E . 11.82 -8.30 20.11
O10 38V E . 11.51 -9.72 19.94
C11 38V E . 12.36 -10.18 18.83
C12 38V E . 13.38 -11.29 19.34
O13 38V E . 14.21 -10.72 20.39
P14 38V E . 15.41 -11.50 20.95
O15 38V E . 16.49 -11.57 19.87
O16 38V E . 15.05 -12.86 21.28
O17 38V E . 16.02 -10.73 22.23
C18 38V E . 16.00 -9.34 22.34
C19 38V E . 15.71 -9.04 23.75
O20 38V E . 16.48 -9.91 24.55
N22 38V E . 15.38 -6.65 23.62
C23 38V E . 14.81 -6.28 22.44
N24 38V E . 14.01 -5.21 22.69
C25 38V E . 14.05 -4.93 24.03
N27 38V E . 12.52 -3.00 24.19
N28 38V E . 13.69 -3.93 26.15
C29 38V E . 14.52 -4.82 26.72
N30 38V E . 15.15 -5.77 25.98
C31 38V E . 14.92 -5.83 24.64
O32 38V E . 17.38 -7.58 23.03
C33 38V E . 17.39 -8.73 22.18
C34 38V E . 17.74 -8.30 20.78
O35 38V E . 16.65 -7.53 20.23
P36 38V E . 16.93 -6.55 18.99
O37 38V E . 17.39 -7.39 17.79
O38 38V E . 15.69 -5.82 18.69
C39 38V E . 18.15 -5.28 19.48
P40 38V E . 19.21 -4.64 18.11
O41 38V E . 19.52 -3.20 18.33
O42 38V E . 18.48 -4.89 16.84
O43 38V E . 20.53 -5.55 18.16
P44 38V E . 21.13 -6.43 16.97
O45 38V E . 21.82 -5.59 15.95
O46 38V E . 20.05 -7.26 16.34
O47 38V E . 22.13 -7.27 17.65
C48 38V E . 13.15 -8.99 18.31
O49 38V E . 12.56 -8.45 17.13
C50 38V E . 13.13 -8.05 19.45
O51 38V E . 13.39 -6.72 19.22
C52 38V E . 10.85 -6.47 24.53
O53 38V E . 11.04 -6.61 25.75
N54 38V E . 10.12 -5.46 24.07
C ACT F . 2.58 1.80 13.87
O ACT F . 2.93 0.75 14.46
OXT ACT F . 3.47 2.35 13.18
CH3 ACT F . 1.20 2.34 14.00
C ACT G . 36.13 -16.29 12.16
O ACT G . 36.65 -15.77 13.18
OXT ACT G . 35.43 -15.54 11.42
CH3 ACT G . 36.37 -17.74 11.84
C ACT H . 13.78 1.86 37.26
O ACT H . 12.83 2.45 37.80
OXT ACT H . 13.95 2.12 36.03
CH3 ACT H . 14.67 0.93 38.02
MG MG I . -17.54 2.91 -18.79
MG MG J . -15.61 6.03 -18.71
C21 38V K . -16.67 5.39 -10.65
C26 38V K . -19.47 9.02 -9.46
N01 38V K . -23.96 8.63 -11.72
C02 38V K . -23.12 7.55 -11.30
N03 38V K . -22.69 6.67 -12.24
C04 38V K . -21.91 5.64 -11.88
C05 38V K . -21.54 5.48 -10.55
N06 38V K . -20.75 4.38 -10.48
C07 38V K . -20.66 3.84 -11.75
N08 38V K . -21.39 4.58 -12.56
C09 38V K . -21.49 4.49 -14.02
O10 38V K . -21.67 3.05 -14.12
C11 38V K . -20.94 2.61 -15.31
C12 38V K . -19.83 1.56 -14.87
O13 38V K . -19.04 2.08 -13.76
P14 38V K . -17.74 1.37 -13.39
O15 38V K . -16.79 1.28 -14.57
O16 38V K . -18.03 0.02 -12.95
O17 38V K . -16.93 2.19 -12.23
C18 38V K . -17.05 3.60 -12.16
C19 38V K . -17.24 3.99 -10.77
O20 38V K . -16.43 3.14 -9.95
N22 38V K . -17.62 6.35 -10.88
C23 38V K . -18.32 6.69 -11.97
N24 38V K . -19.12 7.73 -11.64
C25 38V K . -18.91 8.04 -10.32
N27 38V K . -20.47 9.95 -9.95
N28 38V K . -19.04 9.05 -8.20
C29 38V K . -18.13 8.19 -7.72
N30 38V K . -17.57 7.25 -8.52
C31 38V K . -17.97 7.17 -9.82
O32 38V K . -15.68 5.47 -11.69
C33 38V K . -15.71 4.25 -12.47
C34 38V K . -15.60 4.57 -13.94
O35 38V K . -16.64 5.50 -14.23
P36 38V K . -16.49 6.44 -15.54
O37 38V K . -16.05 5.53 -16.68
O38 38V K . -17.81 7.05 -15.80
C39 38V K . -15.26 7.74 -15.22
P40 38V K . -14.36 8.29 -16.73
O41 38V K . -14.00 9.77 -16.61
O42 38V K . -15.25 7.97 -17.92
O43 38V K . -13.01 7.44 -16.81
P44 38V K . -12.47 6.51 -17.98
O45 38V K . -11.90 7.29 -19.10
O46 38V K . -13.59 5.61 -18.49
O47 38V K . -11.39 5.76 -17.28
C48 38V K . -20.27 3.84 -15.91
O49 38V K . -21.06 4.42 -16.97
C50 38V K . -20.24 4.76 -14.77
O51 38V K . -20.07 6.09 -15.02
C52 38V K . -21.97 6.42 -9.60
O53 38V K . -21.64 6.31 -8.42
N54 38V K . -22.76 7.44 -10.00
#